data_7NWA
#
_entry.id   7NWA
#
_cell.length_a   66.986
_cell.length_b   106.316
_cell.length_c   108.982
_cell.angle_alpha   90.000
_cell.angle_beta   90.000
_cell.angle_gamma   90.000
#
_symmetry.space_group_name_H-M   'P 21 21 21'
#
loop_
_entity.id
_entity.type
_entity.pdbx_description
1 polymer 'Branched-chain-amino-acid aminotransferase, cytosolic'
2 non-polymer 2-[[4-chloranyl-2,6-bis(fluoranyl)phenyl]methylamino]-7-oxidanylidene-5-propyl-4H-pyrazolo[1,5-a]pyrimidine-3-carbonitrile
3 non-polymer "PYRIDOXAL-5'-PHOSPHATE"
4 non-polymer 'MAGNESIUM ION'
5 water water
#
_entity_poly.entity_id   1
_entity_poly.type   'polypeptide(L)'
_entity_poly.pdbx_seq_one_letter_code
;GPGMKDCSNGCSAECTGEGGSKEVVGTFKAKDLIVTPATILKEKPDPNNLVFGTVFTDHMLTVEWSSEFGWEKPHIKPLQ
NLSLHPGSSALHYAVELFEGLKAFRGVDNKIRLFQPNLNMDRMYRSAVRATLPVFDKEELLECIQQLVKLDQEWVPYSTS
ASLYIRPTFIGTEPSLGVKKPTKALLFVLLSPVGPYFSSGTFNPVSLWANPKYVRAWKGGTGDCKMGGNYGSSLFAQCEA
VDNGCQQVLWLYGEDHQITEVGTMNLFLYWINEDGEEELATPPLDGIILPGVTRRCILDLAHQWGEFKVSERYLTMDDLT
TALEGNRVREMFGSGTACVVCPVSDILYKGETIHIPTMENGPKLASRILSKLTDIQYGREERDWTIVLS
;
_entity_poly.pdbx_strand_id   A,B
#
# COMPACT_ATOMS: atom_id res chain seq x y z
N VAL A 25 22.40 -4.72 -13.38
CA VAL A 25 21.56 -3.58 -13.88
C VAL A 25 21.44 -3.68 -15.41
N GLY A 26 20.20 -3.77 -15.93
CA GLY A 26 19.94 -4.01 -17.37
C GLY A 26 18.45 -4.01 -17.70
N THR A 27 18.09 -4.66 -18.81
CA THR A 27 16.71 -4.65 -19.33
C THR A 27 16.41 -5.95 -20.09
N PHE A 28 15.14 -6.36 -20.07
CA PHE A 28 14.61 -7.29 -21.09
C PHE A 28 14.57 -6.55 -22.44
N LYS A 29 14.57 -7.31 -23.53
CA LYS A 29 14.54 -6.72 -24.90
C LYS A 29 13.35 -7.30 -25.67
N ALA A 30 12.62 -6.47 -26.40
CA ALA A 30 11.48 -6.89 -27.25
C ALA A 30 11.92 -7.91 -28.31
N LYS A 31 13.13 -7.80 -28.83
CA LYS A 31 13.62 -8.73 -29.88
C LYS A 31 13.74 -10.15 -29.31
N ASP A 32 13.75 -10.30 -27.97
CA ASP A 32 13.84 -11.61 -27.28
C ASP A 32 12.45 -12.19 -26.93
N LEU A 33 11.37 -11.53 -27.34
CA LEU A 33 9.99 -11.98 -26.99
C LEU A 33 9.82 -13.45 -27.36
N ILE A 34 9.30 -14.23 -26.43
CA ILE A 34 8.81 -15.62 -26.64
C ILE A 34 7.28 -15.56 -26.71
N VAL A 35 6.68 -15.94 -27.84
CA VAL A 35 5.22 -15.80 -28.06
C VAL A 35 4.62 -17.21 -28.08
N THR A 36 3.70 -17.48 -27.16
CA THR A 36 2.96 -18.74 -27.00
C THR A 36 1.48 -18.41 -27.23
N PRO A 37 0.95 -18.52 -28.45
CA PRO A 37 -0.46 -18.21 -28.70
C PRO A 37 -1.40 -19.18 -27.97
N ALA A 38 -2.51 -18.64 -27.46
CA ALA A 38 -3.66 -19.41 -26.94
C ALA A 38 -4.23 -20.23 -28.09
N THR A 39 -4.61 -21.47 -27.81
CA THR A 39 -5.20 -22.41 -28.78
C THR A 39 -6.73 -22.41 -28.62
N ILE A 40 -7.25 -21.97 -27.49
CA ILE A 40 -8.72 -21.72 -27.31
C ILE A 40 -8.90 -20.22 -27.10
N LEU A 41 -9.60 -19.57 -28.02
CA LEU A 41 -9.77 -18.09 -28.05
C LEU A 41 -11.16 -17.75 -27.52
N LYS A 42 -11.27 -16.70 -26.72
CA LYS A 42 -12.56 -16.31 -26.11
C LYS A 42 -13.36 -15.44 -27.08
N GLU A 43 -14.70 -15.50 -26.98
CA GLU A 43 -15.61 -14.57 -27.71
C GLU A 43 -15.36 -13.15 -27.19
N LYS A 44 -15.23 -12.18 -28.10
CA LYS A 44 -15.14 -10.75 -27.74
C LYS A 44 -16.48 -10.30 -27.18
N PRO A 45 -16.48 -9.31 -26.28
CA PRO A 45 -17.72 -8.79 -25.71
C PRO A 45 -18.42 -7.84 -26.69
N ASP A 46 -19.71 -7.59 -26.48
CA ASP A 46 -20.45 -6.47 -27.11
C ASP A 46 -19.81 -5.16 -26.65
N PRO A 47 -19.31 -4.29 -27.56
CA PRO A 47 -18.63 -3.07 -27.14
C PRO A 47 -19.56 -2.02 -26.50
N ASN A 48 -20.88 -2.25 -26.57
CA ASN A 48 -21.93 -1.37 -25.98
C ASN A 48 -22.27 -1.81 -24.56
N ASN A 49 -21.92 -3.04 -24.13
CA ASN A 49 -22.28 -3.60 -22.81
C ASN A 49 -21.03 -3.83 -21.96
N LEU A 50 -20.09 -2.89 -21.95
CA LEU A 50 -18.76 -3.08 -21.33
C LEU A 50 -18.70 -2.34 -19.99
N VAL A 51 -18.35 -3.06 -18.92
CA VAL A 51 -18.03 -2.51 -17.58
C VAL A 51 -16.51 -2.36 -17.50
N PHE A 52 -16.03 -1.19 -17.08
CA PHE A 52 -14.59 -0.89 -17.01
C PHE A 52 -13.84 -2.00 -16.24
N GLY A 53 -12.76 -2.51 -16.84
CA GLY A 53 -11.75 -3.35 -16.15
C GLY A 53 -12.27 -4.70 -15.72
N THR A 54 -13.27 -5.26 -16.42
CA THR A 54 -13.96 -6.52 -16.02
C THR A 54 -13.65 -7.66 -16.98
N VAL A 55 -13.49 -7.36 -18.26
CA VAL A 55 -13.25 -8.39 -19.32
C VAL A 55 -11.79 -8.33 -19.72
N PHE A 56 -11.14 -9.47 -19.87
CA PHE A 56 -9.71 -9.56 -20.23
C PHE A 56 -9.57 -10.30 -21.56
N THR A 57 -8.51 -9.99 -22.29
CA THR A 57 -8.26 -10.54 -23.64
C THR A 57 -7.59 -11.92 -23.53
N ASP A 58 -7.16 -12.47 -24.66
CA ASP A 58 -6.63 -13.85 -24.68
C ASP A 58 -5.22 -13.93 -24.10
N HIS A 59 -4.39 -12.90 -24.27
CA HIS A 59 -2.94 -12.97 -23.95
C HIS A 59 -2.53 -11.90 -22.93
N MET A 60 -1.40 -12.15 -22.28
CA MET A 60 -0.72 -11.21 -21.37
C MET A 60 0.78 -11.21 -21.65
N LEU A 61 1.46 -10.15 -21.23
CA LEU A 61 2.93 -10.07 -21.17
C LEU A 61 3.38 -10.38 -19.75
N THR A 62 4.42 -11.19 -19.59
CA THR A 62 5.10 -11.41 -18.29
C THR A 62 6.62 -11.32 -18.50
N VAL A 63 7.31 -10.73 -17.54
CA VAL A 63 8.80 -10.66 -17.52
C VAL A 63 9.26 -10.83 -16.09
N GLU A 64 10.08 -11.86 -15.84
CA GLU A 64 10.65 -12.17 -14.52
C GLU A 64 11.98 -11.41 -14.33
N TRP A 65 12.24 -11.00 -13.09
CA TRP A 65 13.52 -10.39 -12.68
C TRP A 65 14.03 -11.06 -11.41
N SER A 66 15.34 -11.23 -11.30
CA SER A 66 15.99 -11.58 -10.02
C SER A 66 17.22 -10.72 -9.87
N SER A 67 17.62 -10.46 -8.63
CA SER A 67 18.88 -9.72 -8.36
C SER A 67 20.05 -10.54 -8.91
N GLU A 68 19.99 -11.87 -8.82
CA GLU A 68 21.14 -12.74 -9.19
C GLU A 68 21.39 -12.67 -10.71
N PHE A 69 20.34 -12.76 -11.53
CA PHE A 69 20.45 -12.96 -13.00
C PHE A 69 19.84 -11.80 -13.80
N GLY A 70 19.21 -10.81 -13.16
CA GLY A 70 18.60 -9.68 -13.87
C GLY A 70 17.33 -10.07 -14.58
N TRP A 71 17.03 -9.40 -15.68
CA TRP A 71 15.78 -9.63 -16.44
C TRP A 71 15.86 -10.90 -17.26
N GLU A 72 14.80 -11.70 -17.16
CA GLU A 72 14.59 -12.85 -18.07
C GLU A 72 13.98 -12.33 -19.37
N LYS A 73 13.86 -13.19 -20.37
CA LYS A 73 13.26 -12.79 -21.67
C LYS A 73 11.77 -12.57 -21.44
N PRO A 74 11.18 -11.61 -22.16
CA PRO A 74 9.76 -11.34 -22.03
C PRO A 74 8.91 -12.39 -22.76
N HIS A 75 7.76 -12.72 -22.20
CA HIS A 75 6.81 -13.71 -22.77
C HIS A 75 5.49 -13.02 -23.06
N ILE A 76 4.96 -13.25 -24.25
CA ILE A 76 3.51 -13.07 -24.53
C ILE A 76 2.90 -14.46 -24.55
N LYS A 77 1.95 -14.69 -23.68
CA LYS A 77 1.40 -16.05 -23.48
C LYS A 77 -0.05 -15.90 -23.08
N PRO A 78 -0.81 -17.01 -23.04
CA PRO A 78 -2.22 -16.92 -22.68
C PRO A 78 -2.40 -16.27 -21.30
N LEU A 79 -3.47 -15.49 -21.18
CA LEU A 79 -3.92 -14.95 -19.88
C LEU A 79 -4.03 -16.14 -18.93
N GLN A 80 -3.42 -16.02 -17.77
CA GLN A 80 -3.42 -17.11 -16.76
C GLN A 80 -3.33 -16.49 -15.37
N ASN A 81 -3.70 -17.27 -14.37
CA ASN A 81 -3.38 -16.91 -12.97
C ASN A 81 -1.87 -16.79 -12.81
N LEU A 82 -1.46 -15.87 -11.93
CA LEU A 82 -0.06 -15.79 -11.50
C LEU A 82 0.16 -16.85 -10.42
N SER A 83 1.32 -17.48 -10.44
CA SER A 83 1.75 -18.45 -9.41
C SER A 83 2.77 -17.76 -8.53
N LEU A 84 2.35 -17.32 -7.34
CA LEU A 84 3.18 -16.45 -6.48
C LEU A 84 3.46 -17.18 -5.17
N HIS A 85 4.70 -17.11 -4.72
CA HIS A 85 5.03 -17.56 -3.34
C HIS A 85 4.15 -16.77 -2.39
N PRO A 86 3.51 -17.41 -1.40
CA PRO A 86 2.63 -16.66 -0.49
C PRO A 86 3.34 -15.62 0.39
N GLY A 87 4.67 -15.68 0.48
CA GLY A 87 5.48 -14.63 1.15
C GLY A 87 5.81 -13.45 0.25
N SER A 88 5.36 -13.44 -1.00
CA SER A 88 5.69 -12.40 -2.03
C SER A 88 5.46 -11.02 -1.42
N SER A 89 6.44 -10.12 -1.52
CA SER A 89 6.34 -8.82 -0.84
C SER A 89 5.17 -7.97 -1.37
N ALA A 90 4.68 -8.18 -2.60
CA ALA A 90 3.51 -7.45 -3.13
C ALA A 90 2.28 -7.73 -2.25
N LEU A 91 2.25 -8.88 -1.60
CA LEU A 91 1.07 -9.35 -0.83
C LEU A 91 1.14 -8.85 0.61
N HIS A 92 2.33 -8.56 1.14
CA HIS A 92 2.54 -8.20 2.56
C HIS A 92 2.79 -6.70 2.69
N TYR A 93 3.63 -6.11 1.83
CA TYR A 93 4.19 -4.77 2.02
C TYR A 93 3.93 -3.89 0.79
N ALA A 94 2.97 -4.28 -0.06
CA ALA A 94 2.51 -3.41 -1.17
C ALA A 94 3.71 -2.97 -2.02
N VAL A 95 4.64 -3.89 -2.25
CA VAL A 95 5.77 -3.61 -3.18
C VAL A 95 5.20 -3.76 -4.60
N GLU A 96 4.61 -2.69 -5.14
CA GLU A 96 3.80 -2.80 -6.35
C GLU A 96 3.54 -1.42 -6.94
N LEU A 97 3.42 -1.36 -8.25
CA LEU A 97 2.96 -0.14 -8.95
C LEU A 97 2.27 -0.56 -10.25
N PHE A 98 1.57 0.37 -10.87
CA PHE A 98 0.81 0.08 -12.09
C PHE A 98 0.75 1.31 -12.97
N GLU A 99 0.33 1.07 -14.19
CA GLU A 99 0.01 2.13 -15.15
C GLU A 99 -1.36 1.88 -15.77
N GLY A 100 -1.84 2.86 -16.52
CA GLY A 100 -3.12 2.80 -17.22
C GLY A 100 -3.02 3.60 -18.49
N LEU A 101 -3.20 2.96 -19.63
CA LEU A 101 -3.24 3.70 -20.92
C LEU A 101 -4.15 2.96 -21.86
N LYS A 102 -4.45 3.56 -23.01
CA LYS A 102 -5.46 2.99 -23.92
C LYS A 102 -4.96 2.91 -25.36
N ALA A 103 -5.46 1.90 -26.07
CA ALA A 103 -5.38 1.78 -27.54
C ALA A 103 -6.78 2.02 -28.10
N PHE A 104 -6.87 2.70 -29.23
CA PHE A 104 -8.13 3.14 -29.87
C PHE A 104 -8.13 2.73 -31.33
N ARG A 105 -9.19 2.05 -31.79
CA ARG A 105 -9.42 1.76 -33.24
C ARG A 105 -9.93 3.04 -33.91
N GLY A 106 -9.13 3.62 -34.80
CA GLY A 106 -9.39 4.94 -35.41
C GLY A 106 -10.53 4.88 -36.40
N VAL A 107 -11.05 6.05 -36.79
CA VAL A 107 -12.09 6.17 -37.85
C VAL A 107 -11.54 5.58 -39.16
N ASP A 108 -10.22 5.45 -39.28
CA ASP A 108 -9.52 4.91 -40.47
C ASP A 108 -9.16 3.43 -40.26
N ASN A 109 -9.63 2.85 -39.15
CA ASN A 109 -9.37 1.44 -38.72
C ASN A 109 -7.88 1.21 -38.41
N LYS A 110 -7.10 2.28 -38.19
CA LYS A 110 -5.73 2.16 -37.64
C LYS A 110 -5.84 2.21 -36.12
N ILE A 111 -5.18 1.27 -35.44
CA ILE A 111 -5.13 1.24 -33.95
C ILE A 111 -4.02 2.18 -33.50
N ARG A 112 -4.33 3.07 -32.56
CA ARG A 112 -3.35 4.05 -32.03
C ARG A 112 -3.24 3.92 -30.51
N LEU A 113 -2.01 4.05 -29.99
CA LEU A 113 -1.75 4.34 -28.55
C LEU A 113 -1.72 5.85 -28.35
N PHE A 114 -2.12 6.27 -27.16
CA PHE A 114 -2.24 7.69 -26.78
C PHE A 114 -1.23 8.00 -25.66
N GLN A 115 -0.27 8.87 -25.97
CA GLN A 115 0.76 9.40 -25.04
C GLN A 115 1.45 8.26 -24.31
N PRO A 116 1.74 7.10 -24.92
CA PRO A 116 2.28 5.97 -24.16
C PRO A 116 3.67 6.25 -23.57
N ASN A 117 4.45 7.15 -24.15
CA ASN A 117 5.80 7.47 -23.61
C ASN A 117 5.66 8.13 -22.24
N LEU A 118 4.58 8.89 -22.02
CA LEU A 118 4.39 9.54 -20.69
C LEU A 118 4.13 8.46 -19.64
N ASN A 119 3.38 7.41 -19.98
CA ASN A 119 3.14 6.28 -19.07
C ASN A 119 4.45 5.55 -18.78
N MET A 120 5.30 5.31 -19.78
CA MET A 120 6.59 4.61 -19.56
C MET A 120 7.46 5.48 -18.63
N ASP A 121 7.49 6.81 -18.84
CA ASP A 121 8.29 7.73 -17.97
C ASP A 121 7.81 7.59 -16.51
N ARG A 122 6.49 7.64 -16.31
CA ARG A 122 5.89 7.59 -14.97
C ARG A 122 6.16 6.21 -14.35
N MET A 123 6.08 5.15 -15.14
CA MET A 123 6.24 3.78 -14.59
C MET A 123 7.70 3.60 -14.13
N TYR A 124 8.64 4.08 -14.92
CA TYR A 124 10.08 4.03 -14.59
C TYR A 124 10.32 4.80 -13.27
N ARG A 125 9.77 6.01 -13.18
CA ARG A 125 9.96 6.87 -11.98
C ARG A 125 9.35 6.18 -10.74
N SER A 126 8.16 5.58 -10.89
CA SER A 126 7.48 4.82 -9.82
C SER A 126 8.36 3.63 -9.39
N ALA A 127 8.97 2.93 -10.35
CA ALA A 127 9.81 1.75 -10.03
C ALA A 127 10.99 2.17 -9.15
N VAL A 128 11.66 3.26 -9.50
CA VAL A 128 12.78 3.78 -8.67
C VAL A 128 12.27 4.08 -7.26
N ARG A 129 11.13 4.74 -7.13
CA ARG A 129 10.61 5.13 -5.80
C ARG A 129 10.16 3.89 -5.03
N ALA A 130 9.76 2.82 -5.72
CA ALA A 130 9.31 1.57 -5.08
C ALA A 130 10.49 0.67 -4.70
N THR A 131 11.69 0.95 -5.23
CA THR A 131 12.92 0.10 -5.16
C THR A 131 12.75 -1.18 -5.99
N LEU A 132 11.86 -1.17 -6.98
CA LEU A 132 11.80 -2.23 -8.01
C LEU A 132 12.87 -1.92 -9.05
N PRO A 133 13.32 -2.95 -9.78
CA PRO A 133 14.39 -2.77 -10.76
C PRO A 133 13.98 -1.91 -11.95
N VAL A 134 14.93 -1.15 -12.47
CA VAL A 134 14.69 -0.32 -13.67
C VAL A 134 14.73 -1.22 -14.90
N PHE A 135 14.17 -0.71 -15.99
CA PHE A 135 14.05 -1.40 -17.30
C PHE A 135 14.12 -0.31 -18.38
N ASP A 136 14.31 -0.72 -19.62
CA ASP A 136 14.35 0.21 -20.78
C ASP A 136 12.91 0.51 -21.22
N LYS A 137 12.50 1.76 -21.09
CA LYS A 137 11.15 2.26 -21.45
C LYS A 137 10.80 1.89 -22.90
N GLU A 138 11.73 2.01 -23.84
CA GLU A 138 11.43 1.72 -25.26
C GLU A 138 11.24 0.21 -25.44
N GLU A 139 12.00 -0.61 -24.72
CA GLU A 139 11.82 -2.10 -24.81
C GLU A 139 10.43 -2.46 -24.26
N LEU A 140 10.02 -1.89 -23.13
CA LEU A 140 8.67 -2.19 -22.57
C LEU A 140 7.60 -1.71 -23.55
N LEU A 141 7.74 -0.52 -24.14
CA LEU A 141 6.70 0.00 -25.05
C LEU A 141 6.59 -0.93 -26.27
N GLU A 142 7.70 -1.43 -26.78
CA GLU A 142 7.66 -2.34 -27.95
C GLU A 142 7.03 -3.67 -27.53
N CYS A 143 7.29 -4.16 -26.31
CA CYS A 143 6.63 -5.42 -25.84
C CYS A 143 5.11 -5.19 -25.75
N ILE A 144 4.69 -4.03 -25.25
CA ILE A 144 3.24 -3.70 -25.15
C ILE A 144 2.66 -3.62 -26.56
N GLN A 145 3.36 -2.99 -27.51
CA GLN A 145 2.91 -2.92 -28.91
C GLN A 145 2.68 -4.33 -29.45
N GLN A 146 3.61 -5.25 -29.23
CA GLN A 146 3.50 -6.63 -29.77
C GLN A 146 2.34 -7.36 -29.09
N LEU A 147 2.07 -7.13 -27.81
CA LEU A 147 0.93 -7.78 -27.11
C LEU A 147 -0.37 -7.25 -27.72
N VAL A 148 -0.52 -5.93 -27.84
CA VAL A 148 -1.76 -5.32 -28.43
C VAL A 148 -1.92 -5.84 -29.87
N LYS A 149 -0.83 -5.89 -30.64
CA LYS A 149 -0.86 -6.39 -32.03
C LYS A 149 -1.42 -7.81 -32.06
N LEU A 150 -0.93 -8.70 -31.19
CA LEU A 150 -1.41 -10.11 -31.17
C LEU A 150 -2.91 -10.10 -30.88
N ASP A 151 -3.34 -9.29 -29.90
CA ASP A 151 -4.75 -9.23 -29.44
C ASP A 151 -5.48 -8.07 -30.12
N GLN A 152 -5.08 -7.63 -31.32
CA GLN A 152 -5.61 -6.35 -31.86
C GLN A 152 -7.13 -6.45 -32.12
N GLU A 153 -7.67 -7.63 -32.43
CA GLU A 153 -9.12 -7.79 -32.72
C GLU A 153 -9.94 -7.48 -31.44
N TRP A 154 -9.30 -7.45 -30.27
CA TRP A 154 -9.93 -7.06 -28.98
C TRP A 154 -10.10 -5.54 -28.90
N VAL A 155 -9.35 -4.77 -29.68
CA VAL A 155 -9.53 -3.28 -29.66
C VAL A 155 -10.91 -3.03 -30.28
N PRO A 156 -11.90 -2.55 -29.51
CA PRO A 156 -13.30 -2.59 -29.96
C PRO A 156 -13.61 -1.83 -31.26
N TYR A 157 -14.57 -2.37 -32.01
CA TYR A 157 -15.12 -1.77 -33.26
C TYR A 157 -16.24 -0.81 -32.84
N SER A 158 -15.82 0.32 -32.29
CA SER A 158 -16.71 1.35 -31.71
C SER A 158 -15.91 2.64 -31.50
N THR A 159 -16.53 3.78 -31.76
CA THR A 159 -15.94 5.12 -31.55
C THR A 159 -16.17 5.57 -30.11
N SER A 160 -16.75 4.72 -29.25
CA SER A 160 -16.97 5.06 -27.82
C SER A 160 -16.34 4.00 -26.91
N ALA A 161 -15.60 3.03 -27.47
CA ALA A 161 -14.92 1.98 -26.68
C ALA A 161 -13.44 1.95 -27.09
N SER A 162 -12.63 1.28 -26.28
CA SER A 162 -11.15 1.30 -26.38
C SER A 162 -10.57 0.06 -25.71
N LEU A 163 -9.26 -0.14 -25.86
CA LEU A 163 -8.58 -1.24 -25.13
C LEU A 163 -7.75 -0.63 -24.00
N TYR A 164 -8.08 -0.96 -22.76
CA TYR A 164 -7.32 -0.51 -21.59
C TYR A 164 -6.13 -1.44 -21.41
N ILE A 165 -4.98 -0.84 -21.19
CA ILE A 165 -3.68 -1.53 -21.04
C ILE A 165 -3.19 -1.28 -19.62
N ARG A 166 -2.96 -2.35 -18.88
CA ARG A 166 -2.59 -2.30 -17.44
C ARG A 166 -1.24 -2.95 -17.24
N PRO A 167 -0.14 -2.19 -17.40
CA PRO A 167 1.20 -2.61 -16.99
C PRO A 167 1.19 -2.60 -15.46
N THR A 168 1.75 -3.66 -14.89
CA THR A 168 1.74 -3.90 -13.43
C THR A 168 3.13 -4.41 -13.07
N PHE A 169 3.65 -4.04 -11.92
CA PHE A 169 5.03 -4.41 -11.53
C PHE A 169 5.03 -4.71 -10.04
N ILE A 170 5.35 -5.95 -9.70
CA ILE A 170 5.19 -6.45 -8.31
C ILE A 170 6.47 -7.07 -7.76
N GLY A 171 6.72 -6.85 -6.48
CA GLY A 171 7.72 -7.56 -5.69
C GLY A 171 7.27 -8.97 -5.44
N THR A 172 8.13 -9.96 -5.74
CA THR A 172 7.82 -11.39 -5.52
C THR A 172 8.87 -12.03 -4.60
N GLU A 173 9.63 -11.20 -3.88
CA GLU A 173 10.56 -11.59 -2.77
C GLU A 173 9.84 -12.55 -1.83
N PRO A 174 10.25 -13.82 -1.68
CA PRO A 174 9.59 -14.76 -0.76
C PRO A 174 10.18 -14.71 0.65
N SER A 175 10.26 -13.54 1.22
CA SER A 175 10.78 -13.40 2.60
C SER A 175 10.02 -12.25 3.26
N LEU A 176 9.83 -12.37 4.57
CA LEU A 176 8.96 -11.44 5.32
C LEU A 176 9.73 -10.22 5.83
N GLY A 177 11.05 -10.15 5.64
CA GLY A 177 11.76 -8.93 6.02
C GLY A 177 11.26 -7.78 5.19
N VAL A 178 11.12 -6.58 5.76
CA VAL A 178 10.72 -5.38 4.99
C VAL A 178 12.00 -4.87 4.34
N LYS A 179 12.15 -5.12 3.05
CA LYS A 179 13.41 -4.74 2.37
C LYS A 179 13.18 -4.70 0.85
N LYS A 180 14.13 -4.05 0.17
CA LYS A 180 14.13 -4.01 -1.29
C LYS A 180 14.03 -5.44 -1.82
N PRO A 181 13.12 -5.70 -2.78
CA PRO A 181 12.94 -7.05 -3.29
C PRO A 181 14.13 -7.55 -4.13
N THR A 182 14.41 -8.84 -4.05
CA THR A 182 15.43 -9.51 -4.91
C THR A 182 14.74 -10.32 -6.01
N LYS A 183 13.43 -10.24 -6.13
CA LYS A 183 12.66 -10.97 -7.16
C LYS A 183 11.47 -10.11 -7.53
N ALA A 184 11.12 -10.01 -8.81
CA ALA A 184 9.98 -9.18 -9.23
C ALA A 184 9.39 -9.76 -10.50
N LEU A 185 8.16 -9.35 -10.83
CA LEU A 185 7.39 -9.75 -12.04
C LEU A 185 6.78 -8.48 -12.60
N LEU A 186 7.04 -8.20 -13.87
CA LEU A 186 6.37 -7.11 -14.62
C LEU A 186 5.40 -7.82 -15.56
N PHE A 187 4.13 -7.43 -15.54
CA PHE A 187 3.13 -8.05 -16.43
C PHE A 187 2.21 -6.98 -16.99
N VAL A 188 1.57 -7.31 -18.10
CA VAL A 188 0.63 -6.39 -18.77
C VAL A 188 -0.64 -7.15 -19.10
N LEU A 189 -1.76 -6.60 -18.65
CA LEU A 189 -3.12 -7.06 -18.97
C LEU A 189 -3.77 -6.12 -19.98
N LEU A 190 -4.69 -6.67 -20.76
CA LEU A 190 -5.53 -5.91 -21.71
C LEU A 190 -6.99 -6.14 -21.37
N SER A 191 -7.78 -5.08 -21.39
CA SER A 191 -9.22 -5.13 -21.04
C SER A 191 -9.99 -4.24 -21.99
N PRO A 192 -10.90 -4.77 -22.82
CA PRO A 192 -11.75 -3.91 -23.67
C PRO A 192 -12.71 -3.17 -22.74
N VAL A 193 -12.85 -1.85 -22.92
CA VAL A 193 -13.71 -1.01 -22.05
C VAL A 193 -14.55 -0.07 -22.90
N GLY A 194 -15.73 0.29 -22.40
CA GLY A 194 -16.62 1.28 -23.02
C GLY A 194 -16.37 2.66 -22.43
N PRO A 195 -17.38 3.56 -22.51
CA PRO A 195 -17.31 4.80 -21.74
C PRO A 195 -17.28 4.36 -20.27
N TYR A 196 -16.69 5.16 -19.39
CA TYR A 196 -16.65 4.84 -17.94
C TYR A 196 -18.10 4.65 -17.44
N PHE A 197 -19.03 5.54 -17.83
CA PHE A 197 -20.47 5.45 -17.48
C PHE A 197 -21.27 4.84 -18.64
N SER A 198 -22.13 3.87 -18.37
CA SER A 198 -22.81 3.03 -19.40
C SER A 198 -23.61 3.91 -20.38
N SER A 199 -24.21 5.01 -19.89
CA SER A 199 -25.00 5.99 -20.69
C SER A 199 -24.14 6.59 -21.83
N GLY A 200 -22.81 6.55 -21.71
CA GLY A 200 -21.86 7.16 -22.65
C GLY A 200 -22.00 8.68 -22.67
N THR A 201 -22.65 9.26 -21.66
CA THR A 201 -22.84 10.73 -21.51
C THR A 201 -22.22 11.15 -20.17
N PHE A 202 -22.16 12.46 -19.93
CA PHE A 202 -21.73 13.01 -18.62
C PHE A 202 -22.73 12.54 -17.56
N ASN A 203 -22.21 11.82 -16.55
CA ASN A 203 -22.94 11.45 -15.32
C ASN A 203 -22.36 12.29 -14.18
N PRO A 204 -22.78 13.56 -13.99
CA PRO A 204 -22.14 14.41 -13.00
C PRO A 204 -22.27 13.80 -11.60
N VAL A 205 -21.23 13.93 -10.77
CA VAL A 205 -21.18 13.23 -9.44
C VAL A 205 -21.29 14.24 -8.30
N SER A 206 -21.79 13.73 -7.19
CA SER A 206 -21.77 14.38 -5.86
C SER A 206 -20.50 13.92 -5.13
N LEU A 207 -19.79 14.84 -4.50
CA LEU A 207 -18.54 14.53 -3.78
C LEU A 207 -18.77 14.65 -2.28
N TRP A 208 -18.16 13.74 -1.54
CA TRP A 208 -18.11 13.75 -0.06
C TRP A 208 -16.77 14.33 0.38
N ALA A 209 -16.80 15.46 1.08
CA ALA A 209 -15.62 16.21 1.53
C ALA A 209 -15.54 16.15 3.05
N ASN A 210 -14.80 15.18 3.56
CA ASN A 210 -14.58 14.94 5.00
C ASN A 210 -13.08 15.06 5.27
N PRO A 211 -12.60 16.09 5.99
CA PRO A 211 -11.15 16.26 6.20
C PRO A 211 -10.53 15.16 7.08
N LYS A 212 -11.34 14.26 7.64
CA LYS A 212 -10.85 13.13 8.47
C LYS A 212 -9.92 12.20 7.67
N TYR A 213 -10.11 12.07 6.36
CA TYR A 213 -9.32 11.13 5.53
C TYR A 213 -8.33 11.93 4.72
N VAL A 214 -7.09 11.51 4.73
CA VAL A 214 -6.04 12.18 3.91
C VAL A 214 -5.40 11.14 2.99
N ARG A 215 -5.46 11.38 1.70
CA ARG A 215 -5.01 10.46 0.62
C ARG A 215 -3.47 10.36 0.62
N ALA A 216 -2.81 11.48 0.88
CA ALA A 216 -1.37 11.62 0.63
C ALA A 216 -0.83 12.77 1.46
N TRP A 217 0.44 12.67 1.77
CA TRP A 217 1.14 13.66 2.62
C TRP A 217 2.47 14.03 1.97
N LYS A 218 2.97 15.21 2.29
CA LYS A 218 4.31 15.65 1.84
C LYS A 218 5.34 14.67 2.41
N GLY A 219 6.17 14.10 1.54
CA GLY A 219 7.18 13.12 1.95
C GLY A 219 6.68 11.70 1.79
N GLY A 220 5.50 11.55 1.19
CA GLY A 220 4.92 10.23 0.87
C GLY A 220 5.05 9.92 -0.62
N THR A 221 4.27 8.96 -1.09
CA THR A 221 4.35 8.43 -2.47
C THR A 221 3.14 8.86 -3.30
N GLY A 222 2.43 9.90 -2.92
CA GLY A 222 1.17 10.27 -3.58
C GLY A 222 1.39 10.72 -5.03
N ASP A 223 2.62 11.09 -5.41
CA ASP A 223 2.90 11.58 -6.77
C ASP A 223 3.45 10.45 -7.63
N CYS A 224 3.34 9.19 -7.19
CA CYS A 224 3.72 7.98 -7.95
C CYS A 224 2.49 7.06 -8.01
N LYS A 225 2.40 6.24 -9.07
CA LYS A 225 1.24 5.32 -9.22
C LYS A 225 1.58 4.01 -8.51
N MET A 226 1.82 4.11 -7.21
CA MET A 226 2.16 2.95 -6.36
C MET A 226 0.87 2.44 -5.71
N GLY A 227 0.73 1.11 -5.59
CA GLY A 227 -0.53 0.52 -5.15
C GLY A 227 -0.87 0.94 -3.74
N GLY A 228 0.15 1.22 -2.92
CA GLY A 228 -0.04 1.61 -1.52
C GLY A 228 -0.83 2.88 -1.37
N ASN A 229 -1.04 3.67 -2.40
CA ASN A 229 -1.71 4.98 -2.30
C ASN A 229 -3.23 4.82 -2.29
N TYR A 230 -3.74 3.61 -2.52
CA TYR A 230 -5.11 3.37 -2.96
C TYR A 230 -5.85 2.52 -2.00
N GLY A 231 -5.14 1.78 -1.17
CA GLY A 231 -5.76 0.95 -0.12
C GLY A 231 -6.83 1.66 0.75
N SER A 232 -6.51 2.86 1.33
CA SER A 232 -7.41 3.86 2.10
C SER A 232 -8.78 4.49 1.57
N SER A 233 -8.81 4.53 0.32
CA SER A 233 -9.84 4.99 -0.64
C SER A 233 -11.14 4.24 -0.51
N LEU A 234 -11.06 2.92 -0.30
CA LEU A 234 -12.28 2.08 -0.33
C LEU A 234 -13.15 2.50 0.85
N PHE A 235 -12.57 2.66 2.03
CA PHE A 235 -13.35 2.94 3.26
C PHE A 235 -14.01 4.32 3.09
N ALA A 236 -13.24 5.32 2.63
CA ALA A 236 -13.76 6.70 2.50
C ALA A 236 -14.84 6.71 1.41
N GLN A 237 -14.63 5.98 0.33
CA GLN A 237 -15.66 5.94 -0.74
C GLN A 237 -16.92 5.23 -0.23
N CYS A 238 -16.80 4.16 0.56
CA CYS A 238 -18.00 3.51 1.16
C CYS A 238 -18.74 4.51 2.04
N GLU A 239 -18.02 5.36 2.78
CA GLU A 239 -18.65 6.38 3.65
C GLU A 239 -19.36 7.40 2.76
N ALA A 240 -18.73 7.79 1.65
CA ALA A 240 -19.33 8.75 0.69
C ALA A 240 -20.69 8.19 0.24
N VAL A 241 -20.73 6.93 -0.19
CA VAL A 241 -21.95 6.27 -0.73
C VAL A 241 -23.02 6.22 0.38
N ASP A 242 -22.67 5.93 1.63
CA ASP A 242 -23.63 5.91 2.77
C ASP A 242 -24.25 7.29 2.98
N ASN A 243 -23.59 8.35 2.51
CA ASN A 243 -24.04 9.75 2.69
C ASN A 243 -24.56 10.32 1.37
N GLY A 244 -24.86 9.46 0.39
CA GLY A 244 -25.57 9.83 -0.84
C GLY A 244 -24.66 10.46 -1.87
N CYS A 245 -23.33 10.32 -1.71
CA CYS A 245 -22.34 10.84 -2.67
C CYS A 245 -21.72 9.67 -3.44
N GLN A 246 -21.11 9.93 -4.60
CA GLN A 246 -20.54 8.88 -5.49
C GLN A 246 -19.03 8.80 -5.33
N GLN A 247 -18.38 9.92 -5.01
CA GLN A 247 -16.90 9.99 -5.00
C GLN A 247 -16.41 10.84 -3.83
N VAL A 248 -15.15 10.65 -3.46
CA VAL A 248 -14.46 11.38 -2.36
C VAL A 248 -13.78 12.62 -2.91
N LEU A 249 -13.99 13.76 -2.29
CA LEU A 249 -13.11 14.93 -2.53
C LEU A 249 -12.02 14.90 -1.47
N TRP A 250 -10.77 14.68 -1.90
CA TRP A 250 -9.63 14.55 -0.98
C TRP A 250 -9.16 15.93 -0.52
N LEU A 251 -9.31 16.19 0.77
CA LEU A 251 -8.87 17.47 1.37
C LEU A 251 -7.53 17.30 2.07
N TYR A 252 -6.73 18.35 2.04
CA TYR A 252 -5.38 18.34 2.66
C TYR A 252 -5.20 19.61 3.47
N GLY A 253 -4.69 19.44 4.69
CA GLY A 253 -4.09 20.56 5.44
C GLY A 253 -5.09 21.36 6.23
N GLU A 254 -4.59 22.30 7.01
CA GLU A 254 -5.40 23.12 7.94
C GLU A 254 -6.38 23.99 7.15
N ASP A 255 -6.10 24.33 5.89
N ASP A 255 -6.06 24.31 5.89
CA ASP A 255 -7.00 25.22 5.12
CA ASP A 255 -6.83 25.20 4.99
C ASP A 255 -7.88 24.40 4.17
C ASP A 255 -7.85 24.40 4.17
N HIS A 256 -7.88 23.07 4.29
CA HIS A 256 -8.82 22.23 3.50
C HIS A 256 -8.63 22.50 2.01
N GLN A 257 -7.41 22.35 1.53
CA GLN A 257 -7.11 22.31 0.11
C GLN A 257 -7.87 21.20 -0.58
N ILE A 258 -8.41 21.47 -1.74
CA ILE A 258 -9.00 20.41 -2.61
C ILE A 258 -7.88 19.88 -3.48
N THR A 259 -7.69 18.56 -3.52
CA THR A 259 -6.50 17.97 -4.18
C THR A 259 -6.90 17.13 -5.38
N GLU A 260 -7.54 15.99 -5.13
CA GLU A 260 -7.99 15.07 -6.17
C GLU A 260 -9.42 14.67 -5.88
N VAL A 261 -10.07 14.03 -6.85
CA VAL A 261 -11.48 13.60 -6.71
C VAL A 261 -11.51 12.13 -7.10
N GLY A 262 -11.86 11.27 -6.16
CA GLY A 262 -11.70 9.82 -6.33
C GLY A 262 -10.28 9.51 -6.77
N THR A 263 -10.11 8.80 -7.90
N THR A 263 -10.12 8.81 -7.89
CA THR A 263 -8.81 8.45 -8.49
CA THR A 263 -8.80 8.44 -8.45
C THR A 263 -8.44 9.41 -9.62
C THR A 263 -8.51 9.36 -9.65
N MET A 264 -9.02 10.60 -9.66
CA MET A 264 -8.88 11.52 -10.81
C MET A 264 -8.27 12.85 -10.33
N ASN A 265 -7.55 13.52 -11.22
CA ASN A 265 -7.11 14.91 -10.98
C ASN A 265 -8.34 15.83 -11.02
N LEU A 266 -8.22 17.00 -10.40
N LEU A 266 -8.23 16.99 -10.38
CA LEU A 266 -9.32 17.98 -10.17
CA LEU A 266 -9.33 17.95 -10.20
C LEU A 266 -9.02 19.28 -10.93
C LEU A 266 -9.02 19.27 -10.93
N PHE A 267 -9.95 19.73 -11.76
CA PHE A 267 -9.90 21.04 -12.42
C PHE A 267 -11.06 21.92 -12.00
N LEU A 268 -10.80 23.22 -11.86
CA LEU A 268 -11.79 24.28 -11.54
C LEU A 268 -11.71 25.36 -12.62
N TYR A 269 -12.82 25.60 -13.31
CA TYR A 269 -12.94 26.67 -14.33
C TYR A 269 -13.80 27.76 -13.73
N TRP A 270 -13.24 28.94 -13.56
CA TRP A 270 -13.87 29.99 -12.74
C TRP A 270 -13.33 31.36 -13.12
N ILE A 271 -14.00 32.38 -12.60
CA ILE A 271 -13.43 33.75 -12.54
C ILE A 271 -12.66 33.79 -11.23
N ASN A 272 -11.37 34.11 -11.27
CA ASN A 272 -10.53 34.04 -10.04
C ASN A 272 -10.72 35.33 -9.22
N GLU A 273 -10.01 35.43 -8.09
CA GLU A 273 -10.09 36.55 -7.12
C GLU A 273 -9.73 37.88 -7.80
N ASP A 274 -8.92 37.85 -8.86
CA ASP A 274 -8.51 39.06 -9.63
C ASP A 274 -9.50 39.39 -10.76
N GLY A 275 -10.63 38.69 -10.87
CA GLY A 275 -11.65 38.93 -11.92
C GLY A 275 -11.30 38.33 -13.28
N GLU A 276 -10.30 37.45 -13.34
CA GLU A 276 -9.78 36.83 -14.58
C GLU A 276 -10.39 35.44 -14.78
N GLU A 277 -10.85 35.16 -15.98
CA GLU A 277 -11.24 33.79 -16.41
C GLU A 277 -10.01 32.89 -16.30
N GLU A 278 -10.14 31.77 -15.58
CA GLU A 278 -8.99 30.91 -15.21
C GLU A 278 -9.40 29.44 -15.17
N LEU A 279 -8.54 28.58 -15.69
CA LEU A 279 -8.59 27.13 -15.45
C LEU A 279 -7.48 26.84 -14.44
N ALA A 280 -7.88 26.32 -13.28
CA ALA A 280 -6.95 26.10 -12.15
C ALA A 280 -6.95 24.63 -11.79
N THR A 281 -5.80 24.14 -11.36
CA THR A 281 -5.67 22.75 -10.86
C THR A 281 -4.58 22.77 -9.81
N PRO A 282 -4.65 21.94 -8.76
CA PRO A 282 -3.60 21.94 -7.75
C PRO A 282 -2.23 21.62 -8.33
N PRO A 283 -1.18 22.21 -7.76
CA PRO A 283 0.18 22.05 -8.28
C PRO A 283 0.83 20.74 -7.80
N LEU A 284 1.90 20.36 -8.49
CA LEU A 284 2.64 19.11 -8.23
C LEU A 284 3.65 19.34 -7.09
N ASP A 285 3.15 19.43 -5.86
CA ASP A 285 4.00 19.67 -4.66
C ASP A 285 4.17 18.38 -3.84
N GLY A 286 3.83 17.23 -4.40
CA GLY A 286 4.12 15.92 -3.81
C GLY A 286 2.87 15.14 -3.44
N ILE A 287 1.72 15.80 -3.33
CA ILE A 287 0.46 15.09 -2.94
C ILE A 287 -0.47 14.92 -4.13
N ILE A 288 -0.04 15.30 -5.34
CA ILE A 288 -0.88 15.19 -6.57
C ILE A 288 -0.24 14.19 -7.52
N LEU A 289 -1.01 13.23 -8.03
CA LEU A 289 -0.49 12.32 -9.09
C LEU A 289 -0.43 13.12 -10.38
N PRO A 290 0.74 13.20 -11.07
CA PRO A 290 0.82 13.92 -12.33
C PRO A 290 0.17 13.11 -13.46
N GLY A 291 -1.15 13.25 -13.57
CA GLY A 291 -1.97 12.55 -14.58
C GLY A 291 -1.54 12.86 -16.00
N VAL A 292 -1.59 11.85 -16.86
CA VAL A 292 -1.38 12.06 -18.31
C VAL A 292 -2.52 12.94 -18.84
N THR A 293 -3.76 12.66 -18.43
CA THR A 293 -4.90 13.50 -18.92
C THR A 293 -4.74 14.94 -18.41
N ARG A 294 -4.38 15.11 -17.13
CA ARG A 294 -4.10 16.45 -16.54
C ARG A 294 -3.07 17.21 -17.39
N ARG A 295 -1.94 16.58 -17.73
CA ARG A 295 -0.87 17.14 -18.60
C ARG A 295 -1.49 17.58 -19.93
N CYS A 296 -2.24 16.69 -20.57
CA CYS A 296 -2.87 16.99 -21.90
C CYS A 296 -3.78 18.22 -21.79
N ILE A 297 -4.61 18.28 -20.74
CA ILE A 297 -5.58 19.40 -20.58
C ILE A 297 -4.81 20.70 -20.36
N LEU A 298 -3.79 20.70 -19.51
CA LEU A 298 -2.96 21.92 -19.33
C LEU A 298 -2.31 22.30 -20.65
N ASP A 299 -1.81 21.33 -21.42
CA ASP A 299 -1.14 21.65 -22.70
C ASP A 299 -2.16 22.26 -23.67
N LEU A 300 -3.37 21.70 -23.78
CA LEU A 300 -4.42 22.27 -24.64
C LEU A 300 -4.74 23.69 -24.20
N ALA A 301 -4.92 23.92 -22.90
CA ALA A 301 -5.37 25.23 -22.38
C ALA A 301 -4.31 26.29 -22.66
N HIS A 302 -3.05 25.94 -22.48
CA HIS A 302 -1.91 26.84 -22.81
C HIS A 302 -1.92 27.13 -24.32
N GLN A 303 -2.10 26.10 -25.15
CA GLN A 303 -2.08 26.22 -26.64
C GLN A 303 -3.21 27.15 -27.07
N TRP A 304 -4.42 27.00 -26.54
CA TRP A 304 -5.58 27.83 -26.95
C TRP A 304 -5.35 29.31 -26.58
N GLY A 305 -4.69 29.56 -25.44
CA GLY A 305 -4.35 30.93 -24.99
C GLY A 305 -5.58 31.82 -24.82
N GLU A 306 -6.73 31.24 -24.45
CA GLU A 306 -7.99 32.02 -24.36
C GLU A 306 -8.26 32.49 -22.93
N PHE A 307 -7.60 31.92 -21.93
CA PHE A 307 -7.84 32.26 -20.51
C PHE A 307 -6.58 31.87 -19.74
N LYS A 308 -6.51 32.35 -18.50
CA LYS A 308 -5.38 32.08 -17.60
C LYS A 308 -5.38 30.59 -17.24
N VAL A 309 -4.19 29.99 -17.21
CA VAL A 309 -3.99 28.58 -16.79
C VAL A 309 -3.07 28.61 -15.58
N SER A 310 -3.55 28.10 -14.44
CA SER A 310 -2.87 28.26 -13.14
C SER A 310 -2.80 26.92 -12.41
N GLU A 311 -1.58 26.50 -12.11
CA GLU A 311 -1.35 25.39 -11.14
C GLU A 311 -1.18 26.08 -9.80
N ARG A 312 -2.21 26.02 -8.97
CA ARG A 312 -2.26 26.82 -7.74
C ARG A 312 -3.12 26.12 -6.69
N TYR A 313 -2.91 26.52 -5.45
CA TYR A 313 -3.69 25.97 -4.31
C TYR A 313 -5.13 26.47 -4.43
N LEU A 314 -6.07 25.56 -4.19
CA LEU A 314 -7.52 25.85 -4.15
C LEU A 314 -8.08 25.30 -2.85
N THR A 315 -8.68 26.16 -2.04
CA THR A 315 -9.26 25.70 -0.76
C THR A 315 -10.78 25.65 -0.85
N MET A 316 -11.39 24.95 0.11
CA MET A 316 -12.86 24.95 0.19
C MET A 316 -13.37 26.38 0.38
N ASP A 317 -12.69 27.22 1.18
CA ASP A 317 -13.10 28.63 1.35
CA ASP A 317 -13.09 28.64 1.37
C ASP A 317 -12.98 29.38 0.03
N ASP A 318 -11.93 29.12 -0.76
CA ASP A 318 -11.82 29.78 -2.10
C ASP A 318 -13.07 29.44 -2.92
N LEU A 319 -13.46 28.16 -2.88
CA LEU A 319 -14.58 27.65 -3.69
C LEU A 319 -15.89 28.25 -3.19
N THR A 320 -16.18 28.21 -1.89
CA THR A 320 -17.49 28.69 -1.37
C THR A 320 -17.58 30.21 -1.54
N THR A 321 -16.47 30.93 -1.41
CA THR A 321 -16.43 32.40 -1.68
C THR A 321 -16.78 32.63 -3.15
N ALA A 322 -16.20 31.86 -4.06
CA ALA A 322 -16.46 32.00 -5.51
C ALA A 322 -17.93 31.68 -5.82
N LEU A 323 -18.48 30.63 -5.22
CA LEU A 323 -19.88 30.19 -5.51
C LEU A 323 -20.83 31.31 -5.06
N GLU A 324 -20.57 31.95 -3.92
CA GLU A 324 -21.50 32.98 -3.40
C GLU A 324 -21.37 34.25 -4.26
N GLY A 325 -20.26 34.44 -4.97
CA GLY A 325 -20.09 35.52 -5.95
C GLY A 325 -20.43 35.11 -7.39
N ASN A 326 -21.04 33.94 -7.59
CA ASN A 326 -21.40 33.37 -8.93
C ASN A 326 -20.19 33.37 -9.87
N ARG A 327 -19.00 33.05 -9.35
CA ARG A 327 -17.74 33.08 -10.14
C ARG A 327 -17.38 31.68 -10.67
N VAL A 328 -17.99 30.61 -10.17
CA VAL A 328 -17.60 29.24 -10.61
C VAL A 328 -18.35 28.88 -11.90
N ARG A 329 -17.68 28.31 -12.89
CA ARG A 329 -18.30 27.85 -14.15
C ARG A 329 -18.37 26.32 -14.15
N GLU A 330 -17.26 25.62 -13.97
CA GLU A 330 -17.22 24.15 -14.11
C GLU A 330 -16.22 23.55 -13.14
N MET A 331 -16.54 22.37 -12.61
CA MET A 331 -15.55 21.53 -11.91
C MET A 331 -15.59 20.14 -12.54
N PHE A 332 -14.43 19.54 -12.81
CA PHE A 332 -14.41 18.17 -13.38
C PHE A 332 -13.15 17.45 -12.98
N GLY A 333 -13.25 16.13 -12.92
CA GLY A 333 -12.10 15.23 -12.78
C GLY A 333 -11.50 14.92 -14.13
N SER A 334 -10.20 14.62 -14.16
CA SER A 334 -9.52 14.12 -15.39
C SER A 334 -8.84 12.79 -15.07
N GLY A 335 -8.88 11.85 -16.01
CA GLY A 335 -8.21 10.54 -15.85
C GLY A 335 -8.45 9.67 -17.05
N THR A 336 -7.69 8.59 -17.19
CA THR A 336 -7.72 7.75 -18.41
C THR A 336 -9.08 7.05 -18.56
N ALA A 337 -9.62 6.42 -17.52
CA ALA A 337 -10.86 5.62 -17.65
C ALA A 337 -12.04 6.52 -18.02
N CYS A 338 -12.15 7.73 -17.46
CA CYS A 338 -13.34 8.60 -17.67
C CYS A 338 -13.10 9.76 -18.66
N VAL A 339 -11.86 10.17 -18.83
CA VAL A 339 -11.32 11.34 -19.60
C VAL A 339 -11.68 12.63 -18.85
N VAL A 340 -12.95 13.03 -18.88
CA VAL A 340 -13.45 14.24 -18.20
C VAL A 340 -14.75 13.86 -17.49
N CYS A 341 -14.80 14.01 -16.17
CA CYS A 341 -15.94 13.58 -15.31
C CYS A 341 -16.47 14.77 -14.52
N PRO A 342 -17.55 15.44 -14.96
CA PRO A 342 -18.04 16.62 -14.27
C PRO A 342 -18.54 16.38 -12.84
N VAL A 343 -18.43 17.43 -12.04
CA VAL A 343 -18.90 17.47 -10.62
C VAL A 343 -20.10 18.42 -10.53
N SER A 344 -21.19 17.97 -9.90
CA SER A 344 -22.42 18.78 -9.72
C SER A 344 -22.58 19.26 -8.28
N ASP A 345 -22.00 18.56 -7.29
CA ASP A 345 -22.28 18.88 -5.87
C ASP A 345 -21.16 18.42 -4.97
N ILE A 346 -21.03 19.08 -3.82
CA ILE A 346 -20.07 18.68 -2.76
C ILE A 346 -20.83 18.74 -1.44
N LEU A 347 -20.70 17.68 -0.64
CA LEU A 347 -21.25 17.62 0.73
C LEU A 347 -20.10 17.92 1.69
N TYR A 348 -20.24 19.02 2.44
CA TYR A 348 -19.14 19.58 3.26
C TYR A 348 -19.76 20.25 4.49
N LYS A 349 -19.29 19.84 5.66
CA LYS A 349 -19.77 20.39 6.96
C LYS A 349 -21.30 20.32 7.00
N GLY A 350 -21.88 19.22 6.51
CA GLY A 350 -23.32 18.94 6.63
C GLY A 350 -24.19 19.69 5.62
N GLU A 351 -23.60 20.42 4.69
CA GLU A 351 -24.39 21.20 3.69
C GLU A 351 -24.06 20.66 2.30
N THR A 352 -25.08 20.54 1.45
CA THR A 352 -24.91 20.16 0.03
C THR A 352 -24.70 21.45 -0.74
N ILE A 353 -23.53 21.60 -1.35
CA ILE A 353 -23.09 22.80 -2.09
C ILE A 353 -23.21 22.48 -3.58
N HIS A 354 -24.06 23.20 -4.30
CA HIS A 354 -24.26 22.97 -5.74
C HIS A 354 -23.10 23.64 -6.49
N ILE A 355 -22.53 22.88 -7.42
CA ILE A 355 -21.51 23.39 -8.39
C ILE A 355 -22.24 23.49 -9.73
N PRO A 356 -22.29 24.67 -10.38
CA PRO A 356 -23.11 24.87 -11.57
C PRO A 356 -22.50 24.36 -12.89
N THR A 357 -21.66 23.34 -12.84
CA THR A 357 -20.99 22.75 -14.02
C THR A 357 -22.00 22.52 -15.15
N MET A 358 -23.09 21.80 -14.87
CA MET A 358 -23.99 21.31 -15.93
C MET A 358 -24.85 22.46 -16.46
N GLU A 359 -25.02 23.51 -15.69
CA GLU A 359 -25.78 24.73 -16.09
C GLU A 359 -24.90 25.64 -16.95
N ASN A 360 -23.59 25.35 -17.04
CA ASN A 360 -22.63 26.12 -17.86
C ASN A 360 -22.17 25.31 -19.07
N GLY A 361 -22.97 24.31 -19.48
CA GLY A 361 -22.75 23.55 -20.73
C GLY A 361 -22.74 22.05 -20.47
N PRO A 362 -21.64 21.47 -19.91
CA PRO A 362 -20.42 22.22 -19.56
C PRO A 362 -19.52 22.43 -20.78
N LYS A 363 -19.35 23.70 -21.18
CA LYS A 363 -18.71 24.11 -22.47
C LYS A 363 -17.26 23.67 -22.48
N LEU A 364 -16.48 23.97 -21.44
CA LEU A 364 -15.01 23.67 -21.47
C LEU A 364 -14.83 22.16 -21.37
N ALA A 365 -15.49 21.51 -20.42
CA ALA A 365 -15.42 20.03 -20.29
C ALA A 365 -15.75 19.36 -21.63
N SER A 366 -16.79 19.83 -22.31
CA SER A 366 -17.22 19.22 -23.60
C SER A 366 -16.15 19.46 -24.66
N ARG A 367 -15.60 20.67 -24.71
CA ARG A 367 -14.56 21.03 -25.71
C ARG A 367 -13.33 20.14 -25.50
N ILE A 368 -12.92 19.93 -24.26
CA ILE A 368 -11.75 19.07 -23.92
C ILE A 368 -12.03 17.64 -24.37
N LEU A 369 -13.18 17.09 -23.99
CA LEU A 369 -13.54 15.69 -24.34
C LEU A 369 -13.53 15.55 -25.86
N SER A 370 -14.14 16.48 -26.58
CA SER A 370 -14.24 16.39 -28.06
C SER A 370 -12.83 16.42 -28.67
N LYS A 371 -11.95 17.28 -28.17
CA LYS A 371 -10.57 17.42 -28.70
C LYS A 371 -9.79 16.13 -28.45
N LEU A 372 -9.79 15.64 -27.21
CA LEU A 372 -9.03 14.41 -26.86
C LEU A 372 -9.58 13.22 -27.66
N THR A 373 -10.90 13.09 -27.79
CA THR A 373 -11.53 11.95 -28.48
C THR A 373 -11.16 12.03 -29.97
N ASP A 374 -11.16 13.23 -30.54
CA ASP A 374 -10.81 13.40 -31.98
C ASP A 374 -9.37 12.94 -32.21
N ILE A 375 -8.46 13.25 -31.27
CA ILE A 375 -7.04 12.83 -31.37
C ILE A 375 -6.96 11.30 -31.21
N GLN A 376 -7.61 10.76 -30.17
CA GLN A 376 -7.53 9.31 -29.84
C GLN A 376 -7.99 8.46 -31.02
N TYR A 377 -9.07 8.84 -31.72
CA TYR A 377 -9.71 8.03 -32.79
C TYR A 377 -9.18 8.48 -34.16
N GLY A 378 -8.11 9.26 -34.20
CA GLY A 378 -7.40 9.63 -35.44
C GLY A 378 -8.23 10.51 -36.37
N ARG A 379 -9.21 11.24 -35.85
CA ARG A 379 -9.98 12.25 -36.63
C ARG A 379 -9.07 13.45 -36.95
N GLU A 380 -7.99 13.65 -36.18
CA GLU A 380 -6.96 14.66 -36.52
C GLU A 380 -5.59 14.05 -36.18
N GLU A 381 -4.58 14.42 -36.95
CA GLU A 381 -3.18 13.97 -36.71
C GLU A 381 -2.68 14.63 -35.42
N ARG A 382 -1.80 13.95 -34.69
CA ARG A 382 -1.22 14.46 -33.42
C ARG A 382 0.09 13.72 -33.11
N ASP A 383 1.05 14.42 -32.49
CA ASP A 383 2.27 13.82 -31.87
C ASP A 383 1.88 12.95 -30.67
N TRP A 384 0.65 13.09 -30.17
CA TRP A 384 0.17 12.39 -28.95
C TRP A 384 -0.23 10.94 -29.28
N THR A 385 -0.33 10.57 -30.55
CA THR A 385 -0.72 9.18 -30.91
C THR A 385 0.41 8.49 -31.68
N ILE A 386 0.51 7.19 -31.50
CA ILE A 386 1.45 6.29 -32.23
C ILE A 386 0.62 5.15 -32.82
N VAL A 387 0.81 4.86 -34.11
CA VAL A 387 0.10 3.74 -34.78
C VAL A 387 0.71 2.43 -34.26
N LEU A 388 -0.12 1.40 -34.13
CA LEU A 388 0.25 0.04 -33.67
C LEU A 388 1.46 -0.46 -34.49
N SER A 389 2.45 -1.07 -33.84
CA SER A 389 3.64 -1.70 -34.48
C SER A 389 3.17 -2.79 -35.44
N VAL B 24 -25.57 -16.05 2.62
CA VAL B 24 -24.09 -16.30 2.52
C VAL B 24 -23.59 -16.88 3.85
N VAL B 25 -22.42 -17.51 3.82
CA VAL B 25 -21.70 -17.97 5.04
C VAL B 25 -20.94 -16.75 5.61
N GLY B 26 -21.38 -16.24 6.76
CA GLY B 26 -20.87 -15.00 7.37
C GLY B 26 -19.47 -15.15 7.94
N THR B 27 -19.11 -16.31 8.49
N THR B 27 -19.15 -16.34 8.45
CA THR B 27 -17.71 -16.64 8.87
CA THR B 27 -17.77 -16.69 8.88
C THR B 27 -17.44 -18.12 8.71
C THR B 27 -17.46 -18.15 8.56
N PHE B 28 -16.19 -18.44 8.40
CA PHE B 28 -15.70 -19.83 8.41
C PHE B 28 -15.63 -20.30 9.87
N LYS B 29 -15.68 -21.61 10.04
CA LYS B 29 -15.56 -22.28 11.35
C LYS B 29 -14.42 -23.29 11.32
N ALA B 30 -13.65 -23.37 12.41
CA ALA B 30 -12.54 -24.33 12.59
C ALA B 30 -13.07 -25.76 12.51
N LYS B 31 -14.30 -26.03 12.96
CA LYS B 31 -14.86 -27.40 12.92
C LYS B 31 -14.97 -27.91 11.47
N ASP B 32 -14.97 -27.01 10.48
CA ASP B 32 -15.08 -27.34 9.03
C ASP B 32 -13.70 -27.51 8.36
N LEU B 33 -12.62 -27.41 9.11
CA LEU B 33 -11.24 -27.52 8.56
C LEU B 33 -11.10 -28.79 7.74
N ILE B 34 -10.59 -28.65 6.52
CA ILE B 34 -10.16 -29.77 5.64
C ILE B 34 -8.64 -29.82 5.70
N VAL B 35 -8.07 -30.96 6.07
CA VAL B 35 -6.59 -31.11 6.23
C VAL B 35 -6.06 -32.02 5.12
N THR B 36 -5.15 -31.48 4.32
CA THR B 36 -4.44 -32.23 3.26
C THR B 36 -2.98 -32.31 3.68
N PRO B 37 -2.52 -33.39 4.33
CA PRO B 37 -1.18 -33.40 4.89
C PRO B 37 -0.14 -33.45 3.77
N ALA B 38 1.00 -32.80 3.99
CA ALA B 38 2.20 -32.98 3.14
C ALA B 38 2.63 -34.46 3.27
N THR B 39 3.04 -35.06 2.16
CA THR B 39 3.53 -36.45 2.14
C THR B 39 5.06 -36.45 2.23
N ILE B 40 5.74 -35.37 1.87
CA ILE B 40 7.21 -35.24 2.09
C ILE B 40 7.45 -34.03 3.01
N LEU B 41 8.10 -34.25 4.16
CA LEU B 41 8.37 -33.19 5.15
C LEU B 41 9.78 -32.64 4.97
N LYS B 42 9.92 -31.31 5.17
CA LYS B 42 11.24 -30.65 4.99
C LYS B 42 12.11 -30.82 6.24
N GLU B 43 13.42 -30.79 6.06
CA GLU B 43 14.43 -30.74 7.15
C GLU B 43 14.25 -29.42 7.93
N LYS B 44 14.20 -29.49 9.26
CA LYS B 44 14.12 -28.29 10.12
C LYS B 44 15.45 -27.57 10.08
N PRO B 45 15.46 -26.23 10.22
CA PRO B 45 16.71 -25.48 10.24
C PRO B 45 17.38 -25.56 11.61
N ASP B 46 18.68 -25.29 11.66
CA ASP B 46 19.41 -25.02 12.92
C ASP B 46 18.85 -23.75 13.55
N PRO B 47 18.34 -23.78 14.81
CA PRO B 47 17.73 -22.60 15.42
C PRO B 47 18.72 -21.45 15.70
N ASN B 48 20.02 -21.71 15.56
CA ASN B 48 21.10 -20.70 15.76
C ASN B 48 21.44 -19.97 14.44
N ASN B 49 21.04 -20.52 13.28
CA ASN B 49 21.42 -19.98 11.94
C ASN B 49 20.17 -19.50 11.19
N LEU B 50 19.24 -18.84 11.88
CA LEU B 50 17.91 -18.48 11.33
C LEU B 50 17.90 -17.00 10.93
N VAL B 51 17.58 -16.69 9.68
CA VAL B 51 17.34 -15.31 9.19
C VAL B 51 15.82 -15.08 9.25
N PHE B 52 15.38 -13.98 9.85
CA PHE B 52 13.94 -13.67 10.04
C PHE B 52 13.20 -13.83 8.71
N GLY B 53 12.10 -14.59 8.73
CA GLY B 53 11.08 -14.58 7.67
C GLY B 53 11.55 -15.21 6.37
N THR B 54 12.57 -16.08 6.39
CA THR B 54 13.15 -16.69 5.14
C THR B 54 12.76 -18.16 5.01
N VAL B 55 12.55 -18.85 6.13
CA VAL B 55 12.30 -20.32 6.14
C VAL B 55 10.82 -20.53 6.48
N PHE B 56 10.14 -21.38 5.72
CA PHE B 56 8.70 -21.64 5.94
C PHE B 56 8.51 -23.12 6.26
N THR B 57 7.46 -23.39 7.04
CA THR B 57 7.15 -24.74 7.53
C THR B 57 6.44 -25.56 6.45
N ASP B 58 5.99 -26.76 6.79
CA ASP B 58 5.42 -27.69 5.79
C ASP B 58 4.02 -27.27 5.32
N HIS B 59 3.22 -26.67 6.20
CA HIS B 59 1.77 -26.43 5.92
C HIS B 59 1.41 -24.96 6.05
N MET B 60 0.28 -24.60 5.44
CA MET B 60 -0.32 -23.27 5.49
C MET B 60 -1.82 -23.42 5.68
N LEU B 61 -2.44 -22.36 6.16
CA LEU B 61 -3.92 -22.24 6.23
C LEU B 61 -4.36 -21.36 5.06
N THR B 62 -5.43 -21.75 4.36
CA THR B 62 -6.11 -20.86 3.38
C THR B 62 -7.61 -20.89 3.59
N VAL B 63 -8.25 -19.73 3.41
CA VAL B 63 -9.73 -19.63 3.43
C VAL B 63 -10.18 -18.62 2.37
N GLU B 64 -10.97 -19.09 1.42
CA GLU B 64 -11.50 -18.24 0.32
C GLU B 64 -12.80 -17.57 0.74
N TRP B 65 -13.03 -16.36 0.23
CA TRP B 65 -14.29 -15.62 0.41
C TRP B 65 -14.77 -15.07 -0.93
N SER B 66 -16.08 -15.05 -1.13
CA SER B 66 -16.72 -14.30 -2.22
C SER B 66 -17.94 -13.59 -1.64
N SER B 67 -18.30 -12.47 -2.24
CA SER B 67 -19.55 -11.76 -1.90
C SER B 67 -20.73 -12.68 -2.21
N GLU B 68 -20.67 -13.49 -3.27
CA GLU B 68 -21.83 -14.33 -3.72
CA GLU B 68 -21.86 -14.28 -3.68
C GLU B 68 -22.16 -15.38 -2.66
N PHE B 69 -21.14 -16.09 -2.13
CA PHE B 69 -21.32 -17.29 -1.27
C PHE B 69 -20.80 -17.12 0.16
N GLY B 70 -20.04 -16.05 0.43
CA GLY B 70 -19.39 -15.86 1.72
C GLY B 70 -18.14 -16.71 1.82
N TRP B 71 -17.83 -17.14 3.03
CA TRP B 71 -16.59 -17.89 3.32
C TRP B 71 -16.77 -19.35 2.90
N GLU B 72 -15.77 -19.85 2.20
CA GLU B 72 -15.60 -21.30 1.96
C GLU B 72 -15.04 -21.94 3.23
N LYS B 73 -14.97 -23.27 3.22
CA LYS B 73 -14.39 -23.99 4.37
C LYS B 73 -12.89 -23.71 4.41
N PRO B 74 -12.31 -23.64 5.61
CA PRO B 74 -10.87 -23.42 5.76
C PRO B 74 -10.10 -24.71 5.43
N HIS B 75 -8.91 -24.54 4.86
CA HIS B 75 -8.01 -25.66 4.48
C HIS B 75 -6.69 -25.49 5.23
N ILE B 76 -6.18 -26.58 5.78
CA ILE B 76 -4.75 -26.69 6.13
C ILE B 76 -4.15 -27.62 5.08
N LYS B 77 -3.17 -27.13 4.32
CA LYS B 77 -2.61 -27.89 3.21
C LYS B 77 -1.13 -27.60 3.09
N PRO B 78 -0.39 -28.33 2.21
CA PRO B 78 1.04 -28.09 2.09
C PRO B 78 1.30 -26.65 1.64
N LEU B 79 2.34 -26.06 2.19
CA LEU B 79 2.87 -24.76 1.69
C LEU B 79 3.00 -24.88 0.17
N GLN B 80 2.47 -23.91 -0.54
N GLN B 80 2.31 -23.99 -0.54
CA GLN B 80 2.60 -23.88 -2.00
CA GLN B 80 2.21 -23.96 -2.03
C GLN B 80 2.27 -22.48 -2.49
C GLN B 80 2.22 -22.49 -2.49
N ASN B 81 2.58 -22.24 -3.75
CA ASN B 81 2.28 -20.93 -4.35
C ASN B 81 0.77 -20.71 -4.36
N LEU B 82 0.39 -19.44 -4.27
CA LEU B 82 -1.02 -19.02 -4.47
C LEU B 82 -1.24 -18.89 -5.97
N SER B 83 -2.45 -19.22 -6.39
CA SER B 83 -2.87 -19.05 -7.80
C SER B 83 -3.83 -17.88 -7.85
N LEU B 84 -3.36 -16.72 -8.31
CA LEU B 84 -4.14 -15.46 -8.19
C LEU B 84 -4.45 -14.92 -9.57
N HIS B 85 -5.69 -14.48 -9.77
CA HIS B 85 -6.05 -13.74 -10.98
C HIS B 85 -5.09 -12.54 -11.05
N PRO B 86 -4.46 -12.26 -12.20
CA PRO B 86 -3.51 -11.14 -12.28
C PRO B 86 -4.13 -9.76 -12.03
N GLY B 87 -5.45 -9.65 -12.08
CA GLY B 87 -6.17 -8.41 -11.73
C GLY B 87 -6.39 -8.24 -10.23
N SER B 88 -6.02 -9.24 -9.41
CA SER B 88 -6.29 -9.27 -7.96
C SER B 88 -5.97 -7.90 -7.34
N SER B 89 -6.92 -7.30 -6.62
CA SER B 89 -6.74 -5.90 -6.11
C SER B 89 -5.57 -5.80 -5.12
N ALA B 90 -5.12 -6.88 -4.49
CA ALA B 90 -3.94 -6.87 -3.62
C ALA B 90 -2.70 -6.42 -4.42
N LEU B 91 -2.68 -6.71 -5.72
CA LEU B 91 -1.50 -6.45 -6.57
C LEU B 91 -1.55 -5.05 -7.17
N HIS B 92 -2.72 -4.45 -7.31
CA HIS B 92 -2.92 -3.15 -7.99
C HIS B 92 -3.08 -2.02 -6.98
N TYR B 93 -3.91 -2.21 -5.96
CA TYR B 93 -4.36 -1.12 -5.07
C TYR B 93 -4.10 -1.48 -3.59
N ALA B 94 -3.18 -2.43 -3.35
CA ALA B 94 -2.69 -2.81 -2.01
C ALA B 94 -3.87 -3.08 -1.09
N VAL B 95 -4.89 -3.79 -1.59
CA VAL B 95 -6.01 -4.25 -0.73
C VAL B 95 -5.47 -5.44 0.05
N GLU B 96 -4.83 -5.17 1.19
CA GLU B 96 -4.08 -6.21 1.91
C GLU B 96 -3.72 -5.75 3.31
N LEU B 97 -3.68 -6.71 4.22
CA LEU B 97 -3.16 -6.44 5.59
C LEU B 97 -2.57 -7.72 6.15
N PHE B 98 -1.84 -7.61 7.24
CA PHE B 98 -1.18 -8.77 7.86
C PHE B 98 -1.13 -8.60 9.36
N GLU B 99 -0.76 -9.69 9.99
CA GLU B 99 -0.44 -9.70 11.44
C GLU B 99 0.89 -10.44 11.64
N GLY B 100 1.41 -10.31 12.85
CA GLY B 100 2.64 -10.97 13.28
C GLY B 100 2.52 -11.34 14.75
N LEU B 101 2.67 -12.62 15.04
CA LEU B 101 2.67 -13.10 16.44
C LEU B 101 3.55 -14.35 16.51
N LYS B 102 3.85 -14.80 17.71
CA LYS B 102 4.83 -15.88 17.86
C LYS B 102 4.30 -16.99 18.77
N ALA B 103 4.77 -18.20 18.49
CA ALA B 103 4.64 -19.37 19.38
C ALA B 103 6.02 -19.69 19.95
N PHE B 104 6.05 -20.08 21.23
CA PHE B 104 7.30 -20.27 22.01
C PHE B 104 7.25 -21.63 22.67
N ARG B 105 8.30 -22.43 22.49
CA ARG B 105 8.44 -23.72 23.19
C ARG B 105 9.00 -23.44 24.59
N GLY B 106 8.21 -23.70 25.62
CA GLY B 106 8.54 -23.35 27.01
C GLY B 106 9.66 -24.20 27.58
N VAL B 107 10.22 -23.74 28.70
CA VAL B 107 11.23 -24.53 29.46
C VAL B 107 10.61 -25.87 29.88
N ASP B 108 9.28 -25.96 29.90
CA ASP B 108 8.50 -27.18 30.30
C ASP B 108 8.04 -27.95 29.07
N ASN B 109 8.53 -27.56 27.89
CA ASN B 109 8.20 -28.12 26.56
C ASN B 109 6.72 -27.92 26.19
N LYS B 110 6.00 -27.02 26.86
CA LYS B 110 4.63 -26.62 26.45
C LYS B 110 4.79 -25.45 25.47
N ILE B 111 4.08 -25.51 24.35
CA ILE B 111 4.10 -24.42 23.34
C ILE B 111 3.06 -23.40 23.77
N ARG B 112 3.45 -22.12 23.82
CA ARG B 112 2.56 -21.02 24.22
C ARG B 112 2.44 -19.99 23.11
N LEU B 113 1.23 -19.44 22.98
CA LEU B 113 1.00 -18.18 22.25
C LEU B 113 1.01 -17.01 23.24
N PHE B 114 1.33 -15.84 22.74
CA PHE B 114 1.52 -14.60 23.54
C PHE B 114 0.49 -13.57 23.09
N GLN B 115 -0.47 -13.28 23.96
N GLN B 115 -0.50 -13.28 23.91
CA GLN B 115 -1.65 -12.39 23.79
CA GLN B 115 -1.48 -12.19 23.65
C GLN B 115 -2.19 -12.44 22.35
C GLN B 115 -2.16 -12.40 22.30
N PRO B 116 -2.47 -13.64 21.82
CA PRO B 116 -2.90 -13.77 20.43
C PRO B 116 -4.25 -13.09 20.17
N ASN B 117 -5.09 -12.94 21.19
CA ASN B 117 -6.41 -12.27 21.00
C ASN B 117 -6.22 -10.80 20.67
N LEU B 118 -5.15 -10.16 21.14
CA LEU B 118 -4.88 -8.75 20.74
C LEU B 118 -4.57 -8.68 19.23
N ASN B 119 -3.82 -9.64 18.70
CA ASN B 119 -3.51 -9.67 17.25
C ASN B 119 -4.81 -9.91 16.45
N MET B 120 -5.68 -10.82 16.92
CA MET B 120 -6.96 -11.09 16.21
C MET B 120 -7.79 -9.81 16.18
N ASP B 121 -7.84 -9.09 17.30
CA ASP B 121 -8.63 -7.82 17.37
C ASP B 121 -8.08 -6.79 16.40
N ARG B 122 -6.76 -6.58 16.37
CA ARG B 122 -6.06 -5.61 15.47
C ARG B 122 -6.36 -6.00 14.02
N MET B 123 -6.27 -7.29 13.73
CA MET B 123 -6.45 -7.76 12.34
C MET B 123 -7.90 -7.49 11.91
N TYR B 124 -8.87 -7.77 12.79
CA TYR B 124 -10.30 -7.58 12.46
C TYR B 124 -10.54 -6.10 12.19
N ARG B 125 -10.02 -5.24 13.07
CA ARG B 125 -10.23 -3.77 12.93
C ARG B 125 -9.62 -3.28 11.62
N SER B 126 -8.44 -3.75 11.28
CA SER B 126 -7.77 -3.40 10.00
C SER B 126 -8.59 -3.92 8.81
N ALA B 127 -9.18 -5.11 8.91
CA ALA B 127 -10.02 -5.64 7.80
C ALA B 127 -11.19 -4.72 7.53
N VAL B 128 -11.86 -4.23 8.59
CA VAL B 128 -13.00 -3.29 8.40
C VAL B 128 -12.49 -2.03 7.69
N ARG B 129 -11.36 -1.51 8.12
CA ARG B 129 -10.80 -0.26 7.51
C ARG B 129 -10.33 -0.51 6.09
N ALA B 130 -9.98 -1.74 5.74
CA ALA B 130 -9.55 -2.10 4.37
C ALA B 130 -10.75 -2.36 3.46
N THR B 131 -11.94 -2.58 4.04
CA THR B 131 -13.19 -3.09 3.40
C THR B 131 -13.05 -4.55 2.98
N LEU B 132 -12.17 -5.30 3.64
CA LEU B 132 -12.13 -6.77 3.50
C LEU B 132 -13.21 -7.34 4.41
N PRO B 133 -13.69 -8.55 4.10
CA PRO B 133 -14.82 -9.13 4.83
C PRO B 133 -14.47 -9.49 6.28
N VAL B 134 -15.46 -9.36 7.15
CA VAL B 134 -15.27 -9.73 8.57
C VAL B 134 -15.20 -11.25 8.70
N PHE B 135 -14.65 -11.67 9.82
CA PHE B 135 -14.50 -13.10 10.16
C PHE B 135 -14.64 -13.19 11.67
N ASP B 136 -14.86 -14.41 12.14
CA ASP B 136 -14.99 -14.68 13.58
C ASP B 136 -13.58 -14.83 14.17
N LYS B 137 -13.15 -13.89 15.01
CA LYS B 137 -11.77 -13.86 15.53
C LYS B 137 -11.45 -15.18 16.26
N GLU B 138 -12.40 -15.72 17.03
CA GLU B 138 -12.18 -17.00 17.77
C GLU B 138 -11.97 -18.15 16.80
N GLU B 139 -12.74 -18.20 15.72
CA GLU B 139 -12.61 -19.26 14.70
C GLU B 139 -11.25 -19.13 14.00
N LEU B 140 -10.81 -17.91 13.67
CA LEU B 140 -9.45 -17.77 13.05
C LEU B 140 -8.36 -18.24 14.04
N LEU B 141 -8.46 -17.86 15.30
CA LEU B 141 -7.40 -18.25 16.27
C LEU B 141 -7.41 -19.78 16.43
N GLU B 142 -8.58 -20.43 16.43
CA GLU B 142 -8.63 -21.90 16.52
C GLU B 142 -8.00 -22.52 15.27
N CYS B 143 -8.22 -21.95 14.07
CA CYS B 143 -7.57 -22.48 12.84
C CYS B 143 -6.05 -22.33 12.96
N ILE B 144 -5.57 -21.19 13.46
CA ILE B 144 -4.12 -20.93 13.64
C ILE B 144 -3.57 -21.96 14.66
N GLN B 145 -4.28 -22.22 15.75
CA GLN B 145 -3.82 -23.23 16.75
C GLN B 145 -3.68 -24.59 16.07
N GLN B 146 -4.66 -24.99 15.27
CA GLN B 146 -4.60 -26.31 14.58
C GLN B 146 -3.41 -26.36 13.62
N LEU B 147 -3.13 -25.26 12.91
CA LEU B 147 -1.97 -25.22 11.97
C LEU B 147 -0.67 -25.36 12.77
N VAL B 148 -0.51 -24.59 13.85
CA VAL B 148 0.72 -24.67 14.68
C VAL B 148 0.86 -26.07 15.25
N LYS B 149 -0.24 -26.66 15.73
CA LYS B 149 -0.24 -28.04 16.28
C LYS B 149 0.28 -29.02 15.23
N LEU B 150 -0.23 -28.93 14.00
CA LEU B 150 0.22 -29.87 12.94
C LEU B 150 1.73 -29.69 12.72
N ASP B 151 2.19 -28.44 12.65
CA ASP B 151 3.62 -28.12 12.37
C ASP B 151 4.36 -27.86 13.69
N GLN B 152 3.95 -28.47 14.81
CA GLN B 152 4.51 -28.08 16.12
C GLN B 152 6.02 -28.38 16.22
N GLU B 153 6.55 -29.36 15.50
CA GLU B 153 7.99 -29.69 15.61
C GLU B 153 8.83 -28.55 14.99
N TRP B 154 8.20 -27.63 14.25
CA TRP B 154 8.88 -26.42 13.73
C TRP B 154 9.06 -25.39 14.85
N VAL B 155 8.34 -25.49 15.97
CA VAL B 155 8.54 -24.51 17.06
C VAL B 155 9.89 -24.86 17.68
N PRO B 156 10.93 -24.00 17.56
CA PRO B 156 12.30 -24.43 17.85
C PRO B 156 12.57 -24.91 19.30
N TYR B 157 13.50 -25.84 19.42
CA TYR B 157 14.00 -26.39 20.70
C TYR B 157 15.15 -25.48 21.14
N SER B 158 14.78 -24.29 21.59
CA SER B 158 15.71 -23.19 21.94
C SER B 158 14.95 -22.15 22.74
N THR B 159 15.58 -21.61 23.77
CA THR B 159 15.00 -20.51 24.59
C THR B 159 15.36 -19.16 23.96
N SER B 160 15.96 -19.13 22.77
CA SER B 160 16.24 -17.86 22.03
C SER B 160 15.61 -17.88 20.63
N ALA B 161 14.81 -18.89 20.30
CA ALA B 161 14.16 -18.99 18.97
C ALA B 161 12.67 -19.26 19.19
N SER B 162 11.88 -19.05 18.15
CA SER B 162 10.40 -19.06 18.22
C SER B 162 9.83 -19.35 16.83
N LEU B 163 8.52 -19.55 16.77
CA LEU B 163 7.83 -19.69 15.46
C LEU B 163 7.03 -18.44 15.18
N TYR B 164 7.35 -17.75 14.11
CA TYR B 164 6.61 -16.56 13.67
C TYR B 164 5.37 -17.00 12.89
N ILE B 165 4.25 -16.38 13.20
CA ILE B 165 2.93 -16.66 12.60
C ILE B 165 2.53 -15.41 11.83
N ARG B 166 2.24 -15.61 10.53
CA ARG B 166 1.93 -14.51 9.61
C ARG B 166 0.54 -14.72 9.01
N PRO B 167 -0.52 -14.29 9.69
CA PRO B 167 -1.84 -14.19 9.10
C PRO B 167 -1.79 -13.05 8.09
N THR B 168 -2.37 -13.28 6.92
CA THR B 168 -2.31 -12.35 5.77
C THR B 168 -3.69 -12.35 5.14
N PHE B 169 -4.17 -11.20 4.67
CA PHE B 169 -5.54 -11.09 4.16
C PHE B 169 -5.51 -10.19 2.95
N ILE B 170 -5.83 -10.74 1.79
CA ILE B 170 -5.63 -10.05 0.48
C ILE B 170 -6.95 -9.97 -0.29
N GLY B 171 -7.15 -8.85 -0.95
CA GLY B 171 -8.18 -8.69 -1.99
C GLY B 171 -7.80 -9.45 -3.23
N THR B 172 -8.72 -10.26 -3.75
CA THR B 172 -8.48 -11.08 -4.97
C THR B 172 -9.55 -10.72 -6.03
N GLU B 173 -10.20 -9.57 -5.88
CA GLU B 173 -11.12 -8.95 -6.87
C GLU B 173 -10.41 -8.93 -8.23
N PRO B 174 -10.89 -9.64 -9.27
CA PRO B 174 -10.22 -9.66 -10.57
C PRO B 174 -10.37 -8.38 -11.41
N SER B 175 -11.29 -7.49 -11.06
CA SER B 175 -11.63 -6.32 -11.90
C SER B 175 -10.82 -5.10 -11.46
N LEU B 176 -10.55 -4.17 -12.37
CA LEU B 176 -9.54 -3.11 -12.16
C LEU B 176 -10.18 -1.84 -11.59
N GLY B 177 -11.50 -1.80 -11.41
CA GLY B 177 -12.08 -0.64 -10.70
C GLY B 177 -11.55 -0.58 -9.28
N VAL B 178 -11.34 0.62 -8.76
CA VAL B 178 -10.90 0.81 -7.35
C VAL B 178 -12.18 0.72 -6.54
N LYS B 179 -12.42 -0.43 -5.94
CA LYS B 179 -13.71 -0.69 -5.27
C LYS B 179 -13.54 -1.77 -4.22
N LYS B 180 -14.49 -1.80 -3.30
CA LYS B 180 -14.52 -2.86 -2.26
C LYS B 180 -14.44 -4.21 -2.96
N PRO B 181 -13.55 -5.12 -2.51
CA PRO B 181 -13.39 -6.41 -3.19
C PRO B 181 -14.62 -7.32 -3.00
N THR B 182 -14.93 -8.10 -4.02
CA THR B 182 -15.99 -9.14 -3.97
C THR B 182 -15.36 -10.53 -3.86
N LYS B 183 -14.04 -10.62 -3.72
CA LYS B 183 -13.29 -11.88 -3.61
C LYS B 183 -12.10 -11.59 -2.71
N ALA B 184 -11.79 -12.49 -1.80
CA ALA B 184 -10.61 -12.32 -0.92
C ALA B 184 -10.07 -13.68 -0.53
N LEU B 185 -8.86 -13.67 0.01
CA LEU B 185 -8.16 -14.87 0.52
C LEU B 185 -7.52 -14.50 1.85
N LEU B 186 -7.81 -15.28 2.88
CA LEU B 186 -7.13 -15.15 4.19
C LEU B 186 -6.20 -16.36 4.30
N PHE B 187 -4.92 -16.14 4.55
CA PHE B 187 -3.98 -17.29 4.66
C PHE B 187 -3.04 -17.03 5.83
N VAL B 188 -2.45 -18.12 6.31
CA VAL B 188 -1.48 -18.03 7.44
C VAL B 188 -0.26 -18.86 7.07
N LEU B 189 0.92 -18.21 7.17
CA LEU B 189 2.24 -18.84 7.04
C LEU B 189 2.91 -18.97 8.40
N LEU B 190 3.77 -19.97 8.53
CA LEU B 190 4.62 -20.15 9.73
C LEU B 190 6.09 -20.09 9.31
N SER B 191 6.92 -19.45 10.12
CA SER B 191 8.35 -19.25 9.81
C SER B 191 9.15 -19.35 11.09
N PRO B 192 10.06 -20.34 11.25
CA PRO B 192 10.90 -20.43 12.44
C PRO B 192 11.88 -19.25 12.40
N VAL B 193 12.07 -18.58 13.52
CA VAL B 193 12.98 -17.41 13.61
C VAL B 193 13.84 -17.50 14.87
N GLY B 194 15.07 -16.98 14.78
CA GLY B 194 16.01 -16.95 15.91
C GLY B 194 15.95 -15.57 16.55
N PRO B 195 17.00 -15.18 17.30
CA PRO B 195 17.17 -13.78 17.68
C PRO B 195 17.18 -13.00 16.35
N TYR B 196 16.73 -11.74 16.36
CA TYR B 196 16.65 -10.94 15.11
C TYR B 196 18.04 -10.89 14.45
N PHE B 197 19.10 -10.70 15.26
CA PHE B 197 20.52 -10.68 14.82
C PHE B 197 21.20 -12.02 15.17
N SER B 198 21.95 -12.57 14.21
CA SER B 198 22.61 -13.92 14.28
C SER B 198 23.47 -14.04 15.54
N SER B 199 24.15 -12.96 15.96
CA SER B 199 24.98 -12.86 17.19
C SER B 199 24.22 -13.33 18.45
N GLY B 200 22.89 -13.23 18.43
CA GLY B 200 22.02 -13.62 19.56
C GLY B 200 22.18 -12.69 20.75
N THR B 201 22.94 -11.59 20.60
CA THR B 201 23.13 -10.56 21.65
C THR B 201 22.61 -9.24 21.07
N PHE B 202 22.60 -8.18 21.87
CA PHE B 202 22.21 -6.84 21.38
C PHE B 202 23.20 -6.43 20.28
N ASN B 203 22.66 -6.20 19.09
CA ASN B 203 23.35 -5.53 17.96
C ASN B 203 22.76 -4.14 17.82
N PRO B 204 23.29 -3.14 18.55
CA PRO B 204 22.74 -1.80 18.47
C PRO B 204 22.84 -1.26 17.03
N VAL B 205 21.85 -0.49 16.60
CA VAL B 205 21.81 0.05 15.21
C VAL B 205 22.08 1.54 15.20
N SER B 206 22.54 2.01 14.04
CA SER B 206 22.63 3.43 13.65
C SER B 206 21.35 3.79 12.88
N LEU B 207 20.80 4.96 13.17
CA LEU B 207 19.55 5.43 12.52
C LEU B 207 19.83 6.60 11.59
N TRP B 208 19.10 6.62 10.47
CA TRP B 208 19.10 7.74 9.49
C TRP B 208 17.84 8.58 9.74
N ALA B 209 18.00 9.83 10.12
CA ALA B 209 16.90 10.78 10.42
C ALA B 209 16.88 11.88 9.36
N ASN B 210 15.95 11.75 8.39
CA ASN B 210 15.82 12.72 7.26
C ASN B 210 14.35 13.11 7.20
N PRO B 211 13.95 14.37 7.50
CA PRO B 211 12.52 14.72 7.50
C PRO B 211 11.89 14.73 6.10
N LYS B 212 12.67 14.47 5.06
CA LYS B 212 12.16 14.46 3.66
C LYS B 212 11.08 13.39 3.48
N TYR B 213 11.17 12.27 4.21
CA TYR B 213 10.24 11.14 4.04
C TYR B 213 9.34 11.09 5.26
N VAL B 214 8.10 10.73 5.02
CA VAL B 214 7.12 10.56 6.13
C VAL B 214 6.48 9.18 5.97
N ARG B 215 6.47 8.40 7.05
CA ARG B 215 5.94 7.01 7.11
C ARG B 215 4.41 7.03 7.05
N ALA B 216 3.80 7.97 7.73
CA ALA B 216 2.35 7.95 8.03
C ALA B 216 1.94 9.35 8.47
N TRP B 217 0.66 9.66 8.34
CA TRP B 217 0.17 11.02 8.61
C TRP B 217 -1.19 10.95 9.29
N LYS B 218 -1.56 12.03 9.94
CA LYS B 218 -2.91 12.18 10.53
C LYS B 218 -3.94 12.09 9.41
N GLY B 219 -4.92 11.19 9.54
CA GLY B 219 -5.92 10.95 8.49
C GLY B 219 -5.54 9.77 7.64
N GLY B 220 -4.42 9.10 7.96
CA GLY B 220 -3.92 7.96 7.19
C GLY B 220 -4.14 6.65 7.89
N THR B 221 -3.34 5.64 7.60
N THR B 221 -3.29 5.69 7.58
CA THR B 221 -3.55 4.26 8.09
CA THR B 221 -3.45 4.24 7.93
C THR B 221 -2.29 3.75 8.80
C THR B 221 -2.28 3.76 8.78
N GLY B 222 -1.50 4.66 9.38
CA GLY B 222 -0.27 4.28 10.10
C GLY B 222 -0.52 3.47 11.35
N ASP B 223 -1.76 3.47 11.86
CA ASP B 223 -2.10 2.72 13.09
C ASP B 223 -2.63 1.33 12.74
N CYS B 224 -2.50 0.90 11.49
CA CYS B 224 -2.94 -0.43 10.99
C CYS B 224 -1.77 -1.11 10.30
N LYS B 225 -1.73 -2.44 10.32
CA LYS B 225 -0.74 -3.21 9.55
C LYS B 225 -1.29 -3.43 8.14
N MET B 226 -1.47 -2.34 7.43
CA MET B 226 -1.86 -2.38 6.00
C MET B 226 -0.61 -2.36 5.14
N GLY B 227 -0.55 -3.22 4.12
CA GLY B 227 0.68 -3.34 3.34
C GLY B 227 1.14 -2.02 2.77
N GLY B 228 0.19 -1.15 2.41
CA GLY B 228 0.49 0.18 1.84
C GLY B 228 1.39 1.05 2.71
N ASN B 229 1.45 0.82 4.02
CA ASN B 229 2.35 1.60 4.91
C ASN B 229 3.84 1.26 4.72
N TYR B 230 4.14 0.09 4.16
CA TYR B 230 5.50 -0.51 4.14
C TYR B 230 6.13 -0.29 2.77
N GLY B 231 5.38 -0.43 1.67
CA GLY B 231 5.96 -0.33 0.32
C GLY B 231 6.60 1.02 0.12
N SER B 232 5.97 2.06 0.66
N SER B 232 5.98 2.05 0.69
CA SER B 232 6.41 3.48 0.55
CA SER B 232 6.40 3.47 0.52
C SER B 232 7.70 3.71 1.33
C SER B 232 7.57 3.80 1.46
N SER B 233 7.99 2.85 2.31
CA SER B 233 9.12 3.01 3.27
C SER B 233 10.45 2.52 2.68
N LEU B 234 10.45 1.68 1.65
CA LEU B 234 11.70 0.98 1.22
C LEU B 234 12.73 1.97 0.69
N PHE B 235 12.31 3.01 0.00
CA PHE B 235 13.26 3.98 -0.59
C PHE B 235 14.09 4.65 0.51
N ALA B 236 13.43 5.07 1.60
CA ALA B 236 14.10 5.75 2.73
C ALA B 236 15.06 4.77 3.41
N GLN B 237 14.68 3.51 3.54
CA GLN B 237 15.53 2.46 4.14
C GLN B 237 16.78 2.28 3.25
N CYS B 238 16.62 2.23 1.94
CA CYS B 238 17.79 2.12 1.02
C CYS B 238 18.69 3.35 1.17
N GLU B 239 18.13 4.53 1.34
CA GLU B 239 18.92 5.76 1.56
C GLU B 239 19.68 5.65 2.90
N ALA B 240 19.04 5.12 3.93
CA ALA B 240 19.71 4.91 5.24
C ALA B 240 20.96 4.04 5.05
N VAL B 241 20.80 2.90 4.37
CA VAL B 241 21.89 1.91 4.15
C VAL B 241 23.01 2.58 3.34
N ASP B 242 22.70 3.37 2.31
CA ASP B 242 23.84 3.90 1.51
C ASP B 242 24.47 5.09 2.25
N ASN B 243 23.92 5.52 3.40
CA ASN B 243 24.59 6.53 4.27
C ASN B 243 25.15 5.87 5.54
N GLY B 244 25.33 4.56 5.52
CA GLY B 244 26.04 3.81 6.57
C GLY B 244 25.19 3.56 7.80
N CYS B 245 23.86 3.67 7.69
CA CYS B 245 22.92 3.41 8.82
C CYS B 245 22.18 2.12 8.52
N GLN B 246 21.56 1.50 9.53
CA GLN B 246 20.87 0.20 9.37
C GLN B 246 19.35 0.42 9.30
N GLN B 247 18.84 1.47 9.92
CA GLN B 247 17.37 1.69 10.04
C GLN B 247 17.04 3.16 9.94
N VAL B 248 15.77 3.44 9.69
CA VAL B 248 15.24 4.82 9.54
C VAL B 248 14.65 5.26 10.88
N LEU B 249 14.98 6.47 11.31
CA LEU B 249 14.18 7.12 12.39
C LEU B 249 13.11 7.97 11.71
N TRP B 250 11.84 7.60 11.88
CA TRP B 250 10.73 8.26 11.16
C TRP B 250 10.34 9.55 11.86
N LEU B 251 10.49 10.66 11.17
CA LEU B 251 10.20 11.99 11.72
C LEU B 251 8.86 12.46 11.17
N TYR B 252 8.13 13.24 11.96
CA TYR B 252 6.83 13.77 11.55
C TYR B 252 6.66 15.22 12.01
N GLY B 253 6.11 16.05 11.14
CA GLY B 253 5.67 17.40 11.54
C GLY B 253 6.77 18.43 11.50
N GLU B 254 6.38 19.69 11.68
CA GLU B 254 7.33 20.82 11.60
C GLU B 254 8.31 20.77 12.77
N ASP B 255 7.98 20.11 13.89
CA ASP B 255 8.92 20.04 15.04
C ASP B 255 9.73 18.74 15.01
N HIS B 256 9.64 17.94 13.95
CA HIS B 256 10.47 16.73 13.79
C HIS B 256 10.25 15.83 15.02
N GLN B 257 8.99 15.47 15.24
CA GLN B 257 8.64 14.40 16.20
C GLN B 257 9.31 13.09 15.79
N ILE B 258 9.90 12.39 16.76
CA ILE B 258 10.43 11.02 16.54
C ILE B 258 9.26 10.07 16.78
N THR B 259 8.96 9.19 15.82
CA THR B 259 7.71 8.40 15.87
C THR B 259 8.00 6.92 16.06
N GLU B 260 8.59 6.31 15.05
CA GLU B 260 8.93 4.88 15.05
C GLU B 260 10.35 4.73 14.53
N VAL B 261 10.93 3.56 14.76
CA VAL B 261 12.29 3.24 14.28
C VAL B 261 12.20 1.97 13.42
N GLY B 262 12.48 2.10 12.13
CA GLY B 262 12.13 1.05 11.18
C GLY B 262 10.67 0.65 11.31
N THR B 263 10.39 -0.63 11.50
CA THR B 263 9.04 -1.19 11.71
C THR B 263 8.79 -1.41 13.20
N MET B 264 9.50 -0.68 14.08
CA MET B 264 9.39 -0.92 15.55
C MET B 264 8.91 0.34 16.25
N ASN B 265 8.24 0.17 17.36
CA ASN B 265 7.89 1.31 18.24
C ASN B 265 9.17 1.81 18.89
N LEU B 266 9.18 3.09 19.30
N LEU B 266 9.22 3.12 19.22
CA LEU B 266 10.39 3.79 19.80
CA LEU B 266 10.43 3.78 19.78
C LEU B 266 10.22 4.09 21.29
C LEU B 266 10.22 4.07 21.27
N PHE B 267 11.20 3.69 22.10
CA PHE B 267 11.25 4.05 23.53
C PHE B 267 12.51 4.87 23.83
N LEU B 268 12.35 5.84 24.71
CA LEU B 268 13.45 6.71 25.20
C LEU B 268 13.44 6.69 26.71
N TYR B 269 14.55 6.25 27.30
CA TYR B 269 14.74 6.19 28.77
C TYR B 269 15.74 7.28 29.10
N TRP B 270 15.28 8.24 29.89
CA TRP B 270 16.05 9.49 30.07
C TRP B 270 15.64 10.19 31.35
N ILE B 271 16.41 11.21 31.67
CA ILE B 271 15.98 12.24 32.63
C ILE B 271 15.30 13.31 31.79
N ASN B 272 14.02 13.59 32.07
CA ASN B 272 13.21 14.49 31.23
C ASN B 272 13.53 15.95 31.59
N GLU B 273 12.85 16.86 30.89
CA GLU B 273 13.01 18.34 31.03
C GLU B 273 12.81 18.77 32.49
N ASP B 274 11.96 18.04 33.25
CA ASP B 274 11.61 18.36 34.66
C ASP B 274 12.62 17.74 35.63
N GLY B 275 13.69 17.11 35.15
CA GLY B 275 14.69 16.42 36.01
C GLY B 275 14.24 15.05 36.52
N GLU B 276 13.18 14.48 35.95
CA GLU B 276 12.58 13.21 36.41
C GLU B 276 13.03 12.07 35.51
N GLU B 277 13.45 10.97 36.13
CA GLU B 277 13.72 9.71 35.42
C GLU B 277 12.41 9.27 34.77
N GLU B 278 12.45 8.95 33.48
CA GLU B 278 11.22 8.70 32.67
C GLU B 278 11.51 7.72 31.53
N LEU B 279 10.58 6.78 31.34
CA LEU B 279 10.49 5.98 30.10
C LEU B 279 9.35 6.59 29.27
N ALA B 280 9.68 7.08 28.08
CA ALA B 280 8.74 7.80 27.22
C ALA B 280 8.63 7.07 25.88
N THR B 281 7.45 7.12 25.29
CA THR B 281 7.18 6.57 23.96
C THR B 281 6.11 7.44 23.32
N PRO B 282 6.14 7.66 22.00
CA PRO B 282 5.10 8.47 21.36
C PRO B 282 3.72 7.94 21.65
N PRO B 283 2.72 8.84 21.67
CA PRO B 283 1.34 8.46 21.97
C PRO B 283 0.61 7.92 20.73
N LEU B 284 -0.45 7.17 21.01
CA LEU B 284 -1.28 6.57 19.94
C LEU B 284 -2.27 7.61 19.41
N ASP B 285 -1.79 8.49 18.55
CA ASP B 285 -2.59 9.61 17.99
C ASP B 285 -2.97 9.34 16.53
N GLY B 286 -2.75 8.12 16.04
CA GLY B 286 -3.13 7.66 14.69
C GLY B 286 -1.94 7.51 13.74
N ILE B 287 -0.74 7.98 14.08
CA ILE B 287 0.45 7.80 13.19
C ILE B 287 1.37 6.68 13.70
N ILE B 288 1.05 6.08 14.83
CA ILE B 288 1.88 5.06 15.53
C ILE B 288 1.15 3.72 15.44
N LEU B 289 1.84 2.66 15.12
CA LEU B 289 1.26 1.31 15.21
C LEU B 289 1.14 0.95 16.69
N PRO B 290 -0.05 0.55 17.19
CA PRO B 290 -0.21 0.16 18.58
C PRO B 290 0.37 -1.23 18.83
N GLY B 291 1.69 -1.29 18.96
CA GLY B 291 2.41 -2.55 19.13
C GLY B 291 1.98 -3.32 20.36
N VAL B 292 1.88 -4.65 20.24
CA VAL B 292 1.65 -5.51 21.42
C VAL B 292 2.85 -5.40 22.37
N THR B 293 4.07 -5.43 21.85
CA THR B 293 5.28 -5.35 22.69
C THR B 293 5.29 -3.99 23.42
N ARG B 294 5.03 -2.91 22.68
CA ARG B 294 4.94 -1.54 23.24
C ARG B 294 3.99 -1.53 24.45
N ARG B 295 2.78 -2.06 24.31
CA ARG B 295 1.79 -2.01 25.43
C ARG B 295 2.29 -2.89 26.57
N CYS B 296 2.87 -4.04 26.31
CA CYS B 296 3.46 -4.90 27.38
C CYS B 296 4.54 -4.13 28.17
N ILE B 297 5.42 -3.44 27.47
CA ILE B 297 6.52 -2.67 28.10
C ILE B 297 5.93 -1.56 28.99
N LEU B 298 4.94 -0.83 28.49
CA LEU B 298 4.26 0.19 29.32
C LEU B 298 3.61 -0.46 30.54
N ASP B 299 2.96 -1.62 30.37
CA ASP B 299 2.31 -2.30 31.51
C ASP B 299 3.39 -2.69 32.54
N LEU B 300 4.51 -3.26 32.10
CA LEU B 300 5.59 -3.64 33.06
C LEU B 300 6.10 -2.40 33.78
N ALA B 301 6.36 -1.32 33.03
CA ALA B 301 6.99 -0.12 33.62
C ALA B 301 6.03 0.51 34.66
N HIS B 302 4.74 0.51 34.40
CA HIS B 302 3.73 1.02 35.35
C HIS B 302 3.70 0.11 36.58
N GLN B 303 3.77 -1.22 36.38
CA GLN B 303 3.75 -2.21 37.48
C GLN B 303 4.98 -1.99 38.37
N TRP B 304 6.17 -1.77 37.79
CA TRP B 304 7.39 -1.59 38.62
C TRP B 304 7.33 -0.28 39.42
N GLY B 305 6.76 0.77 38.83
CA GLY B 305 6.62 2.09 39.45
C GLY B 305 7.93 2.68 39.94
N GLU B 306 9.05 2.41 39.25
CA GLU B 306 10.39 2.90 39.69
C GLU B 306 10.74 4.24 39.03
N PHE B 307 9.99 4.67 38.04
CA PHE B 307 10.23 5.92 37.31
C PHE B 307 8.92 6.30 36.61
N LYS B 308 8.88 7.51 36.09
CA LYS B 308 7.72 8.03 35.36
C LYS B 308 7.56 7.27 34.05
N VAL B 309 6.33 6.96 33.68
CA VAL B 309 6.01 6.28 32.40
C VAL B 309 5.09 7.21 31.61
N SER B 310 5.52 7.64 30.44
CA SER B 310 4.83 8.70 29.68
C SER B 310 4.65 8.31 28.21
N GLU B 311 3.39 8.36 27.78
CA GLU B 311 3.06 8.35 26.32
C GLU B 311 2.99 9.82 25.93
N ARG B 312 4.03 10.30 25.27
CA ARG B 312 4.20 11.75 25.05
C ARG B 312 4.99 11.99 23.77
N TYR B 313 4.79 13.16 23.20
CA TYR B 313 5.54 13.58 22.01
C TYR B 313 7.01 13.77 22.43
N LEU B 314 7.91 13.35 21.55
CA LEU B 314 9.36 13.54 21.67
C LEU B 314 9.87 14.10 20.35
N THR B 315 10.62 15.17 20.38
CA THR B 315 11.19 15.76 19.15
C THR B 315 12.69 15.54 19.07
N MET B 316 13.26 15.75 17.88
CA MET B 316 14.71 15.73 17.70
C MET B 316 15.34 16.77 18.61
N ASP B 317 14.76 17.96 18.75
CA ASP B 317 15.35 19.01 19.64
C ASP B 317 15.33 18.50 21.09
N ASP B 318 14.25 17.83 21.50
CA ASP B 318 14.20 17.27 22.88
C ASP B 318 15.40 16.33 23.05
N LEU B 319 15.63 15.49 22.05
CA LEU B 319 16.67 14.43 22.13
C LEU B 319 18.05 15.07 22.12
N THR B 320 18.35 15.99 21.19
CA THR B 320 19.72 16.56 21.07
C THR B 320 20.01 17.42 22.31
N THR B 321 19.00 18.12 22.84
CA THR B 321 19.16 18.90 24.09
C THR B 321 19.50 17.92 25.23
N ALA B 322 18.77 16.82 25.33
CA ALA B 322 19.03 15.81 26.39
C ALA B 322 20.45 15.21 26.25
N LEU B 323 20.87 14.88 25.05
CA LEU B 323 22.19 14.24 24.82
C LEU B 323 23.31 15.20 25.24
N GLU B 324 23.17 16.49 24.96
CA GLU B 324 24.19 17.52 25.31
C GLU B 324 24.25 17.68 26.83
N GLY B 325 23.15 17.40 27.53
CA GLY B 325 23.04 17.42 28.99
C GLY B 325 23.34 16.08 29.65
N ASN B 326 23.79 15.07 28.89
CA ASN B 326 24.05 13.68 29.36
CA ASN B 326 24.06 13.69 29.39
C ASN B 326 22.82 13.15 30.10
N ARG B 327 21.62 13.45 29.59
CA ARG B 327 20.35 13.05 30.27
C ARG B 327 19.78 11.76 29.66
N VAL B 328 20.26 11.33 28.49
CA VAL B 328 19.73 10.11 27.84
C VAL B 328 20.44 8.89 28.41
N ARG B 329 19.69 7.86 28.79
CA ARG B 329 20.23 6.60 29.29
C ARG B 329 20.16 5.56 28.17
N GLU B 330 18.98 5.30 27.61
CA GLU B 330 18.82 4.21 26.62
C GLU B 330 17.78 4.61 25.58
N MET B 331 17.98 4.15 24.35
CA MET B 331 16.97 4.25 23.28
C MET B 331 16.85 2.87 22.64
N PHE B 332 15.63 2.38 22.45
CA PHE B 332 15.45 1.05 21.81
C PHE B 332 14.12 1.01 21.08
N GLY B 333 14.08 0.16 20.06
CA GLY B 333 12.82 -0.23 19.40
C GLY B 333 12.17 -1.40 20.10
N SER B 334 10.85 -1.50 19.99
CA SER B 334 10.09 -2.68 20.47
C SER B 334 9.28 -3.27 19.31
N GLY B 335 9.21 -4.60 19.23
CA GLY B 335 8.41 -5.21 18.17
C GLY B 335 8.46 -6.71 18.30
N THR B 336 7.73 -7.40 17.45
CA THR B 336 7.55 -8.88 17.62
C THR B 336 8.81 -9.62 17.18
N ALA B 337 9.35 -9.32 16.01
CA ALA B 337 10.51 -10.05 15.47
C ALA B 337 11.74 -9.80 16.36
N CYS B 338 11.95 -8.62 16.92
CA CYS B 338 13.22 -8.32 17.65
C CYS B 338 13.04 -8.30 19.19
N VAL B 339 11.86 -7.98 19.66
CA VAL B 339 11.43 -7.76 21.07
C VAL B 339 11.96 -6.41 21.54
N VAL B 340 13.25 -6.30 21.80
CA VAL B 340 13.93 -5.06 22.27
C VAL B 340 15.21 -4.89 21.46
N CYS B 341 15.33 -3.79 20.70
CA CYS B 341 16.44 -3.57 19.73
C CYS B 341 17.09 -2.24 20.03
N PRO B 342 18.23 -2.21 20.77
CA PRO B 342 18.87 -0.95 21.12
C PRO B 342 19.40 -0.12 19.94
N VAL B 343 19.44 1.19 20.16
CA VAL B 343 19.94 2.21 19.22
C VAL B 343 21.24 2.82 19.79
N SER B 344 22.30 2.89 18.98
CA SER B 344 23.61 3.45 19.39
C SER B 344 23.90 4.79 18.74
N ASP B 345 23.31 5.12 17.59
CA ASP B 345 23.72 6.36 16.88
C ASP B 345 22.57 6.88 16.00
N ILE B 346 22.53 8.18 15.78
CA ILE B 346 21.58 8.81 14.82
C ILE B 346 22.35 9.78 13.94
N LEU B 347 22.12 9.69 12.63
CA LEU B 347 22.69 10.64 11.63
C LEU B 347 21.59 11.65 11.27
N TYR B 348 21.83 12.91 11.56
CA TYR B 348 20.85 14.01 11.49
C TYR B 348 21.56 15.32 11.13
N LYS B 349 21.06 15.98 10.08
CA LYS B 349 21.62 17.27 9.62
C LYS B 349 23.13 17.13 9.42
N GLY B 350 23.56 16.00 8.85
CA GLY B 350 24.96 15.77 8.43
C GLY B 350 25.90 15.40 9.56
N GLU B 351 25.41 15.21 10.79
CA GLU B 351 26.25 14.90 11.96
C GLU B 351 25.84 13.53 12.51
N THR B 352 26.80 12.75 13.01
CA THR B 352 26.53 11.52 13.78
C THR B 352 26.42 11.90 15.25
N ILE B 353 25.32 11.52 15.87
CA ILE B 353 25.02 11.76 17.29
C ILE B 353 25.04 10.40 18.00
N HIS B 354 25.93 10.22 18.98
CA HIS B 354 26.02 8.96 19.73
C HIS B 354 24.94 8.93 20.80
N ILE B 355 24.26 7.81 20.90
CA ILE B 355 23.27 7.52 21.96
C ILE B 355 23.93 6.51 22.89
N PRO B 356 24.10 6.83 24.19
CA PRO B 356 24.89 6.00 25.10
C PRO B 356 24.18 4.79 25.68
N THR B 357 23.20 4.23 24.96
CA THR B 357 22.45 3.02 25.34
C THR B 357 23.39 1.93 25.86
N MET B 358 24.41 1.57 25.09
CA MET B 358 25.23 0.37 25.41
C MET B 358 26.20 0.68 26.56
N GLU B 359 26.51 1.96 26.81
CA GLU B 359 27.38 2.36 27.94
C GLU B 359 26.56 2.41 29.23
N ASN B 360 25.24 2.31 29.14
CA ASN B 360 24.34 2.30 30.32
C ASN B 360 23.76 0.91 30.55
N GLY B 361 24.43 -0.14 30.02
CA GLY B 361 24.14 -1.55 30.31
C GLY B 361 23.96 -2.35 29.03
N PRO B 362 22.81 -2.24 28.33
CA PRO B 362 21.70 -1.36 28.71
C PRO B 362 20.78 -2.03 29.75
N LYS B 363 20.75 -1.46 30.97
CA LYS B 363 20.11 -2.10 32.14
C LYS B 363 18.60 -2.27 31.92
N LEU B 364 17.90 -1.21 31.53
CA LEU B 364 16.42 -1.31 31.40
C LEU B 364 16.07 -2.20 30.22
N ALA B 365 16.70 -1.98 29.06
CA ALA B 365 16.46 -2.85 27.89
C ALA B 365 16.66 -4.32 28.27
N SER B 366 17.74 -4.63 28.98
CA SER B 366 18.06 -6.02 29.38
C SER B 366 16.98 -6.54 30.33
N ARG B 367 16.56 -5.72 31.29
CA ARG B 367 15.54 -6.12 32.29
C ARG B 367 14.21 -6.44 31.57
N ILE B 368 13.81 -5.60 30.63
CA ILE B 368 12.56 -5.80 29.84
C ILE B 368 12.68 -7.11 29.06
N LEU B 369 13.76 -7.29 28.30
CA LEU B 369 13.96 -8.53 27.51
C LEU B 369 13.85 -9.74 28.44
N SER B 370 14.55 -9.72 29.58
CA SER B 370 14.58 -10.87 30.50
C SER B 370 13.15 -11.17 30.98
N LYS B 371 12.39 -10.13 31.33
CA LYS B 371 11.01 -10.32 31.85
C LYS B 371 10.11 -10.89 30.75
N LEU B 372 10.15 -10.32 29.55
CA LEU B 372 9.26 -10.78 28.46
C LEU B 372 9.63 -12.23 28.10
N THR B 373 10.91 -12.55 28.03
CA THR B 373 11.36 -13.91 27.64
C THR B 373 10.97 -14.88 28.78
N ASP B 374 11.05 -14.49 30.04
CA ASP B 374 10.61 -15.38 31.16
C ASP B 374 9.12 -15.72 30.99
N ILE B 375 8.30 -14.77 30.61
CA ILE B 375 6.85 -14.98 30.37
C ILE B 375 6.67 -15.85 29.11
N GLN B 376 7.31 -15.48 28.01
CA GLN B 376 7.12 -16.19 26.71
C GLN B 376 7.47 -17.68 26.85
N TYR B 377 8.54 -18.02 27.58
CA TYR B 377 9.06 -19.41 27.65
C TYR B 377 8.53 -20.08 28.93
N GLY B 378 7.52 -19.51 29.59
CA GLY B 378 6.80 -20.16 30.71
C GLY B 378 7.65 -20.35 31.96
N ARG B 379 8.70 -19.53 32.15
CA ARG B 379 9.49 -19.54 33.42
C ARG B 379 8.64 -18.93 34.54
N GLU B 380 7.62 -18.15 34.19
CA GLU B 380 6.66 -17.65 35.20
C GLU B 380 5.25 -17.68 34.59
N GLU B 381 4.26 -17.88 35.45
CA GLU B 381 2.84 -17.85 35.06
C GLU B 381 2.47 -16.44 34.61
N ARG B 382 1.58 -16.35 33.63
CA ARG B 382 1.12 -15.04 33.12
C ARG B 382 -0.22 -15.19 32.42
N ASP B 383 -1.10 -14.21 32.57
N ASP B 383 -1.09 -14.19 32.57
CA ASP B 383 -2.35 -14.11 31.76
CA ASP B 383 -2.34 -14.06 31.78
C ASP B 383 -2.01 -13.75 30.31
C ASP B 383 -2.01 -13.69 30.33
N TRP B 384 -0.76 -13.37 30.01
CA TRP B 384 -0.34 -12.96 28.64
C TRP B 384 -0.07 -14.18 27.76
N THR B 385 0.03 -15.36 28.33
CA THR B 385 0.31 -16.59 27.53
C THR B 385 -0.85 -17.55 27.59
N ILE B 386 -1.03 -18.30 26.50
CA ILE B 386 -2.04 -19.40 26.38
C ILE B 386 -1.29 -20.63 25.88
N VAL B 387 -1.49 -21.79 26.54
CA VAL B 387 -0.86 -23.04 26.06
C VAL B 387 -1.62 -23.50 24.80
N LEU B 388 -0.89 -24.00 23.81
CA LEU B 388 -1.41 -24.50 22.51
C LEU B 388 -2.50 -25.54 22.80
N SER B 389 -3.67 -25.41 22.19
CA SER B 389 -4.80 -26.36 22.39
C SER B 389 -4.42 -27.73 21.81
#